data_9L42
#
_entry.id   9L42
#
_cell.length_a   1.00
_cell.length_b   1.00
_cell.length_c   1.00
_cell.angle_alpha   90.00
_cell.angle_beta   90.00
_cell.angle_gamma   90.00
#
_symmetry.space_group_name_H-M   'P 1'
#
loop_
_entity.id
_entity.type
_entity.pdbx_description
1 polymer 'Histamine receptor H4R'
2 polymer 'Guanine nucleotide-binding protein G(i) subunit alpha-1'
3 polymer 'Guanine nucleotide-binding protein G(I)/G(S)/G(T) subunit beta-1'
4 polymer 'Guanine nucleotide-binding protein G(I)/G(S)/G(O) subunit gamma-2'
5 polymer 'Antibody fragment scFv16'
6 non-polymer CHOLESTEROL
7 non-polymer HISTAMINE
#
loop_
_entity_poly.entity_id
_entity_poly.type
_entity_poly.pdbx_seq_one_letter_code
_entity_poly.pdbx_strand_id
1 'polypeptide(L)'
;MPDTNSTINLSLSTRVTLAFFMSLVAFAIMLGNALVILAFVVDKNLRHRSSYFFLNLAISDFFVGVISIPLYIPHTLFEW
DFGKEICVFWLTTDYLLCTASVYNIVLISYDRYLSVSNAVSYRTQHTGVLKIVTLMVAVWVLAFLVNGPMILVSESWKDE
GSECEPGFFSEWYILAITSFLEFVIPVILVAYFNMNIYWSLWKRDHLSRCQSHPGLTALHQREHVELLRARRLAKSLAIL
LGVFAVCWAPYSLFTIVLSFYSSATGPKSVWYRIAFWLQWFNSFVNPLLYPLCHKRFQKAFLKIFCIKKQPL
;
A
2 'polypeptide(L)'
;MGCTLSAEDKAAVERSKMIDRNLREDGEKAAREVKLLLLGAGESGKNTIVKQMKIIHEAGYSEEECKQYKAVVYSNTIQS
IIAIIRAMGRLKIDFGDSARADDARQLFVLAGAAEEGFMTAELAGVIKRLWKDSGVQACFNRSREYQLNDSAAYYLNDLD
RIAQPNYIPTQQDVLRTRVKTTGIVETHFTFKDLHFKMFDVGAQRSERKKWIHCFEGVTAIIFCVALSDYDLVLAEDEEM
NRMHASMKLFDSICNNKWFTDTSIILFLNKKDLFEEKIKKSPLTICYPEYAGSNTYEEAAAYIQCQFEDLNKRKDTKEIY
THFTCSTDTKNVQFVFDAVTDVIIKNNLKDCGLF
;
B
3 'polypeptide(L)'
;MHHHHHHHHHHGSSGSELDQLRQEAEQLKNQIRDARKACADATLSQITNNIDPVGRIQMRTRRTLRGHLAKIYAMHWGTD
SRLLVSASQDGKLIIWDSYTTNKVHAIPLRSSWVMTCAYAPSGNYVACGGLDNICSIYNLKTREGNVRVSRELAGHTGYL
SCCRFLDDNQIVTSSGDTTCALWDIETGQQTTTFTGHTGDVMSLSLAPDTRLFVSGACDASAKLWDVREGMCRQTFTGHE
SDINAICFFPNGNAFATGSDDATCRLFDLRADQELMTYSHDNIICGITSVSFSKSGRLLLAGYDDFNCNVWDALKADRAG
VLAGHDNRVSCLGVTDDGMAVATGSWDSFLKIWN
;
C
4 'polypeptide(L)'
;MHHHHHHHHHHASNNTASIAQARKLVEQLKMEANIDRIKVSKAAADLMAYCEAHAKEDPLLTPVPASENPFREKKFFCAI
L
;
D
5 'polypeptide(L)'
;MLLVNQSHQGFNKEHTSKMVSAIVLYVLLAAAAHSAFADVQLVESGGGLVQPGGSRKLSCSASGFAFSSFGMHWVRQAPE
KGLEWVAYISSGSGTIYYADTVKGRFTISRDDPKNTLFLQMTSLRSEDTAMYYCVRSIYYYGSSPFDFWGQGTTLTVSSG
GGGSGGGGSGGGGSDIVMTQATSSVPVTPGESVSISCRSSKSLLHSNGNTYLYWFLQRPGQSPQLLIYRMSNLASGVPDR
FSGSGSGTAFTLTISRLEAEDVGVYYCMQHLEYPLTFGAGTKLELKENLYFQ
;
E
#
loop_
_chem_comp.id
_chem_comp.type
_chem_comp.name
_chem_comp.formula
CLR non-polymer CHOLESTEROL 'C27 H46 O'
HSM non-polymer HISTAMINE 'C5 H9 N3'
#
# COMPACT_ATOMS: atom_id res chain seq x y z
N THR A 14 -39.74 -13.80 -43.20
CA THR A 14 -38.58 -14.54 -42.74
C THR A 14 -38.43 -14.38 -41.24
N ARG A 15 -38.89 -13.27 -40.70
CA ARG A 15 -38.82 -13.02 -39.26
C ARG A 15 -37.40 -13.16 -38.77
N VAL A 16 -36.45 -12.65 -39.56
CA VAL A 16 -35.07 -12.70 -39.16
C VAL A 16 -34.89 -11.64 -38.10
N THR A 17 -35.91 -10.80 -37.91
CA THR A 17 -35.84 -9.80 -36.85
C THR A 17 -35.66 -10.49 -35.52
N LEU A 18 -36.14 -11.72 -35.41
CA LEU A 18 -35.99 -12.46 -34.18
C LEU A 18 -34.54 -12.78 -33.97
N ALA A 19 -33.84 -13.11 -35.04
CA ALA A 19 -32.44 -13.47 -34.92
C ALA A 19 -31.66 -12.27 -34.45
N PHE A 20 -32.08 -11.09 -34.88
CA PHE A 20 -31.40 -9.89 -34.41
C PHE A 20 -31.58 -9.80 -32.91
N PHE A 21 -32.80 -10.02 -32.43
CA PHE A 21 -33.07 -9.89 -31.01
C PHE A 21 -32.31 -10.94 -30.24
N MET A 22 -32.38 -12.17 -30.70
CA MET A 22 -31.74 -13.25 -29.97
C MET A 22 -30.24 -13.08 -29.96
N SER A 23 -29.67 -12.57 -31.04
CA SER A 23 -28.24 -12.33 -31.04
C SER A 23 -27.90 -11.17 -30.13
N LEU A 24 -28.77 -10.18 -30.09
CA LEU A 24 -28.54 -9.01 -29.25
C LEU A 24 -28.53 -9.40 -27.78
N VAL A 25 -29.49 -10.22 -27.36
CA VAL A 25 -29.54 -10.65 -25.98
C VAL A 25 -28.34 -11.51 -25.66
N ALA A 26 -27.93 -12.35 -26.59
CA ALA A 26 -26.74 -13.15 -26.36
C ALA A 26 -25.58 -12.23 -26.13
N PHE A 27 -25.49 -11.18 -26.92
CA PHE A 27 -24.40 -10.26 -26.78
C PHE A 27 -24.44 -9.66 -25.41
N ALA A 28 -25.65 -9.37 -24.93
CA ALA A 28 -25.79 -8.72 -23.63
C ALA A 28 -25.27 -9.61 -22.54
N ILE A 29 -25.58 -10.89 -22.62
CA ILE A 29 -25.12 -11.79 -21.61
C ILE A 29 -23.61 -11.74 -21.69
N MET A 30 -23.06 -11.76 -22.90
CA MET A 30 -21.61 -11.81 -23.01
C MET A 30 -20.96 -10.61 -22.38
N LEU A 31 -21.30 -9.43 -22.86
CA LEU A 31 -20.67 -8.22 -22.38
C LEU A 31 -20.86 -8.08 -20.91
N GLY A 32 -22.10 -8.23 -20.44
CA GLY A 32 -22.37 -8.04 -19.04
C GLY A 32 -21.44 -8.87 -18.20
N ASN A 33 -21.43 -10.16 -18.43
CA ASN A 33 -20.63 -11.04 -17.61
C ASN A 33 -19.15 -10.90 -17.85
N ALA A 34 -18.76 -10.48 -19.04
CA ALA A 34 -17.34 -10.31 -19.33
C ALA A 34 -16.82 -9.17 -18.53
N LEU A 35 -17.64 -8.15 -18.34
CA LEU A 35 -17.22 -7.00 -17.56
C LEU A 35 -16.96 -7.44 -16.15
N VAL A 36 -17.82 -8.29 -15.61
CA VAL A 36 -17.60 -8.79 -14.26
C VAL A 36 -16.34 -9.63 -14.22
N ILE A 37 -16.08 -10.40 -15.26
CA ILE A 37 -14.87 -11.20 -15.31
C ILE A 37 -13.68 -10.26 -15.39
N LEU A 38 -13.81 -9.21 -16.19
CA LEU A 38 -12.73 -8.24 -16.38
C LEU A 38 -12.36 -7.58 -15.10
N ALA A 39 -13.35 -7.01 -14.42
CA ALA A 39 -13.08 -6.29 -13.20
C ALA A 39 -12.38 -7.18 -12.24
N PHE A 40 -12.73 -8.45 -12.23
CA PHE A 40 -12.10 -9.37 -11.30
C PHE A 40 -10.63 -9.43 -11.62
N VAL A 41 -10.26 -9.71 -12.85
CA VAL A 41 -8.85 -9.78 -13.24
C VAL A 41 -8.10 -8.48 -12.98
N VAL A 42 -8.61 -7.37 -13.49
CA VAL A 42 -7.96 -6.08 -13.30
C VAL A 42 -7.78 -5.74 -11.82
N ASP A 43 -8.87 -5.46 -11.13
CA ASP A 43 -8.77 -5.05 -9.73
C ASP A 43 -8.35 -6.17 -8.80
N LYS A 44 -7.38 -5.90 -7.95
CA LYS A 44 -6.96 -6.90 -6.97
C LYS A 44 -7.64 -6.62 -5.67
N ASN A 45 -8.44 -5.59 -5.62
CA ASN A 45 -9.22 -5.33 -4.43
C ASN A 45 -10.32 -6.37 -4.37
N LEU A 46 -10.80 -6.78 -5.53
CA LEU A 46 -11.87 -7.75 -5.60
C LEU A 46 -11.39 -9.17 -5.35
N ARG A 47 -10.88 -9.47 -4.17
CA ARG A 47 -10.49 -10.83 -3.87
C ARG A 47 -11.11 -11.31 -2.57
N HIS A 48 -12.36 -10.93 -2.32
CA HIS A 48 -13.04 -11.38 -1.12
C HIS A 48 -13.70 -12.70 -1.44
N ARG A 49 -14.16 -13.43 -0.43
CA ARG A 49 -14.75 -14.72 -0.67
C ARG A 49 -15.89 -14.50 -1.62
N SER A 50 -16.62 -13.41 -1.45
CA SER A 50 -17.74 -13.12 -2.31
C SER A 50 -17.33 -12.85 -3.71
N SER A 51 -16.19 -12.21 -3.91
CA SER A 51 -15.82 -11.83 -5.26
C SER A 51 -15.48 -13.01 -6.13
N TYR A 52 -14.93 -14.05 -5.55
CA TYR A 52 -14.66 -15.25 -6.31
C TYR A 52 -15.97 -15.84 -6.72
N PHE A 53 -16.95 -15.82 -5.83
CA PHE A 53 -18.24 -16.40 -6.14
C PHE A 53 -18.94 -15.59 -7.21
N PHE A 54 -18.70 -14.29 -7.28
CA PHE A 54 -19.29 -13.50 -8.32
C PHE A 54 -18.67 -13.83 -9.65
N LEU A 55 -17.41 -14.22 -9.64
CA LEU A 55 -16.73 -14.59 -10.88
C LEU A 55 -17.37 -15.84 -11.41
N ASN A 56 -17.58 -16.81 -10.53
CA ASN A 56 -18.13 -18.07 -10.96
C ASN A 56 -19.49 -17.86 -11.57
N LEU A 57 -20.27 -16.95 -11.00
CA LEU A 57 -21.57 -16.66 -11.57
C LEU A 57 -21.38 -16.13 -12.96
N ALA A 58 -20.40 -15.28 -13.14
CA ALA A 58 -20.19 -14.67 -14.43
C ALA A 58 -19.68 -15.65 -15.45
N ILE A 59 -18.82 -16.57 -15.03
CA ILE A 59 -18.26 -17.55 -15.94
C ILE A 59 -19.36 -18.43 -16.45
N SER A 60 -20.22 -18.90 -15.56
CA SER A 60 -21.31 -19.75 -15.98
C SER A 60 -22.20 -19.02 -16.94
N ASP A 61 -22.60 -17.84 -16.58
CA ASP A 61 -23.51 -17.11 -17.43
C ASP A 61 -22.87 -16.68 -18.70
N PHE A 62 -21.59 -16.34 -18.69
CA PHE A 62 -20.92 -15.82 -19.89
C PHE A 62 -21.15 -16.75 -21.02
N PHE A 63 -20.87 -18.02 -20.79
CA PHE A 63 -20.97 -19.00 -21.85
C PHE A 63 -22.37 -19.24 -22.32
N VAL A 64 -23.37 -18.74 -21.64
CA VAL A 64 -24.70 -18.93 -22.18
C VAL A 64 -24.70 -18.05 -23.39
N GLY A 65 -24.06 -16.90 -23.31
CA GLY A 65 -24.01 -16.01 -24.44
C GLY A 65 -23.05 -16.49 -25.49
N VAL A 66 -21.94 -17.08 -25.11
CA VAL A 66 -20.94 -17.54 -26.06
C VAL A 66 -21.15 -18.96 -26.58
N ILE A 67 -21.44 -19.93 -25.74
CA ILE A 67 -21.73 -21.26 -26.27
C ILE A 67 -23.21 -21.57 -26.53
N SER A 68 -24.04 -21.59 -25.51
CA SER A 68 -25.46 -21.97 -25.66
C SER A 68 -26.36 -21.24 -26.61
N ILE A 69 -26.68 -20.00 -26.32
CA ILE A 69 -27.62 -19.25 -27.15
C ILE A 69 -27.30 -19.23 -28.64
N PRO A 70 -26.05 -18.88 -29.03
CA PRO A 70 -25.85 -18.80 -30.49
C PRO A 70 -26.06 -20.11 -31.25
N LEU A 71 -25.67 -21.23 -30.68
CA LEU A 71 -25.91 -22.52 -31.35
C LEU A 71 -27.40 -22.74 -31.49
N TYR A 72 -28.19 -22.12 -30.63
CA TYR A 72 -29.63 -22.35 -30.66
C TYR A 72 -30.27 -21.53 -31.74
N ILE A 73 -29.64 -20.42 -32.05
CA ILE A 73 -30.24 -19.52 -33.02
C ILE A 73 -30.61 -20.33 -34.23
N PRO A 74 -29.63 -20.94 -34.92
CA PRO A 74 -30.08 -21.63 -36.12
C PRO A 74 -31.08 -22.74 -35.90
N HIS A 75 -30.91 -23.60 -34.90
CA HIS A 75 -31.81 -24.73 -34.81
C HIS A 75 -33.21 -24.21 -34.71
N THR A 76 -33.40 -23.22 -33.85
CA THR A 76 -34.75 -22.70 -33.66
C THR A 76 -35.33 -21.85 -34.76
N LEU A 77 -34.49 -21.01 -35.34
CA LEU A 77 -34.96 -20.11 -36.39
C LEU A 77 -34.47 -20.49 -37.78
N PHE A 78 -33.15 -20.52 -37.97
CA PHE A 78 -32.62 -20.78 -39.29
C PHE A 78 -32.54 -22.25 -39.61
N GLU A 79 -33.68 -22.84 -39.95
CA GLU A 79 -33.67 -24.24 -40.35
C GLU A 79 -33.03 -25.06 -39.26
N TRP A 80 -32.02 -25.84 -39.62
CA TRP A 80 -31.36 -26.68 -38.64
C TRP A 80 -29.88 -26.78 -38.86
N ASP A 81 -29.16 -27.23 -37.85
CA ASP A 81 -27.74 -27.45 -37.96
C ASP A 81 -27.61 -28.63 -37.06
N PHE A 82 -28.64 -29.46 -37.03
CA PHE A 82 -28.64 -30.57 -36.08
C PHE A 82 -27.52 -31.54 -36.27
N GLY A 83 -26.85 -31.90 -35.19
CA GLY A 83 -25.80 -32.89 -35.28
C GLY A 83 -26.08 -33.87 -34.17
N LYS A 84 -26.02 -35.16 -34.45
CA LYS A 84 -26.20 -36.15 -33.40
C LYS A 84 -25.20 -35.92 -32.29
N GLU A 85 -24.12 -35.22 -32.59
CA GLU A 85 -23.16 -34.90 -31.55
C GLU A 85 -23.38 -33.51 -31.00
N ILE A 86 -23.50 -32.52 -31.89
CA ILE A 86 -23.71 -31.14 -31.44
C ILE A 86 -24.91 -31.09 -30.54
N CYS A 87 -25.99 -31.74 -30.95
CA CYS A 87 -27.22 -31.74 -30.18
C CYS A 87 -26.94 -32.08 -28.73
N VAL A 88 -26.24 -33.19 -28.54
CA VAL A 88 -25.87 -33.60 -27.18
C VAL A 88 -24.99 -32.56 -26.53
N PHE A 89 -23.93 -32.14 -27.19
CA PHE A 89 -23.06 -31.12 -26.63
C PHE A 89 -23.85 -29.91 -26.19
N TRP A 90 -24.65 -29.33 -27.08
CA TRP A 90 -25.39 -28.13 -26.73
C TRP A 90 -26.27 -28.42 -25.55
N LEU A 91 -26.95 -29.56 -25.58
CA LEU A 91 -27.87 -29.93 -24.51
C LEU A 91 -27.12 -30.03 -23.20
N THR A 92 -26.03 -30.76 -23.18
CA THR A 92 -25.27 -30.93 -21.95
C THR A 92 -24.65 -29.64 -21.48
N THR A 93 -24.15 -28.81 -22.39
CA THR A 93 -23.62 -27.54 -21.95
C THR A 93 -24.70 -26.60 -21.40
N ASP A 94 -25.84 -26.48 -22.06
CA ASP A 94 -26.85 -25.55 -21.60
C ASP A 94 -27.29 -25.99 -20.24
N TYR A 95 -27.56 -27.28 -20.09
CA TYR A 95 -28.04 -27.78 -18.82
C TYR A 95 -26.93 -27.96 -17.81
N LEU A 96 -25.80 -27.31 -18.03
CA LEU A 96 -24.75 -27.34 -17.04
C LEU A 96 -24.58 -25.90 -16.71
N LEU A 97 -24.41 -25.07 -17.72
CA LEU A 97 -24.17 -23.67 -17.46
C LEU A 97 -25.34 -23.05 -16.73
N CYS A 98 -26.55 -23.48 -17.04
CA CYS A 98 -27.71 -22.91 -16.40
C CYS A 98 -27.81 -23.39 -14.96
N THR A 99 -27.55 -24.65 -14.71
CA THR A 99 -27.72 -25.17 -13.38
C THR A 99 -26.56 -24.73 -12.56
N ALA A 100 -25.48 -24.32 -13.19
CA ALA A 100 -24.36 -23.78 -12.44
C ALA A 100 -24.59 -22.35 -12.10
N SER A 101 -25.31 -21.63 -12.93
CA SER A 101 -25.63 -20.27 -12.59
C SER A 101 -26.50 -20.25 -11.36
N VAL A 102 -27.50 -21.13 -11.30
CA VAL A 102 -28.37 -21.21 -10.15
C VAL A 102 -27.59 -21.57 -8.91
N TYR A 103 -26.72 -22.56 -9.01
CA TYR A 103 -25.98 -22.98 -7.85
C TYR A 103 -25.08 -21.90 -7.34
N ASN A 104 -24.60 -21.05 -8.21
CA ASN A 104 -23.79 -19.93 -7.78
C ASN A 104 -24.62 -18.93 -7.01
N ILE A 105 -25.87 -18.72 -7.39
CA ILE A 105 -26.76 -17.83 -6.67
C ILE A 105 -26.97 -18.37 -5.27
N VAL A 106 -27.14 -19.66 -5.13
CA VAL A 106 -27.28 -20.25 -3.81
C VAL A 106 -25.99 -20.11 -3.04
N LEU A 107 -24.85 -20.14 -3.69
CA LEU A 107 -23.59 -19.95 -2.98
C LEU A 107 -23.38 -18.53 -2.56
N ILE A 108 -23.70 -17.57 -3.42
CA ILE A 108 -23.57 -16.18 -3.07
C ILE A 108 -24.45 -15.93 -1.88
N SER A 109 -25.62 -16.52 -1.85
CA SER A 109 -26.54 -16.32 -0.74
C SER A 109 -26.10 -16.98 0.54
N TYR A 110 -25.43 -18.11 0.47
CA TYR A 110 -24.93 -18.74 1.67
C TYR A 110 -23.81 -17.92 2.19
N ASP A 111 -23.05 -17.28 1.33
CA ASP A 111 -22.01 -16.41 1.81
C ASP A 111 -22.64 -15.27 2.57
N ARG A 112 -23.65 -14.65 2.01
CA ARG A 112 -24.29 -13.53 2.67
C ARG A 112 -24.99 -13.93 3.94
N TYR A 113 -25.53 -15.13 4.01
CA TYR A 113 -26.15 -15.60 5.24
C TYR A 113 -25.12 -15.65 6.30
N LEU A 114 -23.94 -16.16 5.98
CA LEU A 114 -22.89 -16.31 6.96
C LEU A 114 -22.33 -14.96 7.35
N SER A 115 -22.33 -14.01 6.44
CA SER A 115 -21.87 -12.70 6.75
C SER A 115 -22.69 -12.19 7.89
N VAL A 116 -23.97 -12.05 7.68
CA VAL A 116 -24.87 -11.59 8.71
C VAL A 116 -25.01 -12.48 9.94
N SER A 117 -25.13 -13.79 9.77
CA SER A 117 -25.27 -14.68 10.91
C SER A 117 -24.10 -14.81 11.86
N ASN A 118 -22.89 -14.95 11.35
CA ASN A 118 -21.73 -15.14 12.18
C ASN A 118 -20.75 -14.14 11.70
N ALA A 119 -20.94 -12.89 12.03
CA ALA A 119 -20.08 -11.88 11.48
C ALA A 119 -18.71 -11.85 12.10
N VAL A 120 -18.56 -12.33 13.32
CA VAL A 120 -17.23 -12.40 13.88
C VAL A 120 -16.45 -13.39 13.08
N SER A 121 -16.94 -14.61 13.00
CA SER A 121 -16.25 -15.67 12.26
C SER A 121 -16.04 -15.37 10.81
N TYR A 122 -17.01 -14.82 10.13
CA TYR A 122 -16.86 -14.53 8.73
C TYR A 122 -15.69 -13.60 8.56
N ARG A 123 -15.54 -12.63 9.43
CA ARG A 123 -14.46 -11.65 9.31
C ARG A 123 -13.15 -12.30 9.62
N THR A 124 -13.06 -12.91 10.78
CA THR A 124 -11.80 -13.49 11.22
C THR A 124 -11.33 -14.76 10.52
N GLN A 125 -12.17 -15.38 9.71
CA GLN A 125 -11.79 -16.64 9.09
C GLN A 125 -10.80 -16.39 8.01
N HIS A 126 -9.87 -17.31 7.82
CA HIS A 126 -8.91 -17.18 6.75
C HIS A 126 -9.32 -18.17 5.71
N THR A 127 -9.65 -17.69 4.52
CA THR A 127 -10.06 -18.58 3.44
C THR A 127 -9.02 -18.61 2.35
N GLY A 128 -8.26 -19.70 2.29
CA GLY A 128 -7.24 -19.83 1.27
C GLY A 128 -7.87 -19.91 -0.10
N VAL A 129 -7.21 -19.35 -1.09
CA VAL A 129 -7.73 -19.40 -2.44
C VAL A 129 -8.22 -20.80 -2.77
N LEU A 130 -7.49 -21.83 -2.32
CA LEU A 130 -7.91 -23.19 -2.60
C LEU A 130 -9.25 -23.55 -2.00
N LYS A 131 -9.52 -23.16 -0.77
CA LYS A 131 -10.84 -23.40 -0.18
C LYS A 131 -11.93 -22.72 -0.99
N ILE A 132 -11.70 -21.51 -1.45
CA ILE A 132 -12.66 -20.81 -2.28
C ILE A 132 -12.78 -21.48 -3.63
N VAL A 133 -11.65 -21.79 -4.25
CA VAL A 133 -11.68 -22.49 -5.53
C VAL A 133 -12.32 -23.87 -5.38
N THR A 134 -12.16 -24.49 -4.22
CA THR A 134 -12.79 -25.77 -4.00
C THR A 134 -14.28 -25.60 -4.16
N LEU A 135 -14.87 -24.64 -3.46
CA LEU A 135 -16.32 -24.46 -3.50
C LEU A 135 -16.77 -24.01 -4.87
N MET A 136 -16.01 -23.16 -5.52
CA MET A 136 -16.37 -22.73 -6.85
C MET A 136 -16.47 -23.95 -7.75
N VAL A 137 -15.54 -24.88 -7.65
CA VAL A 137 -15.54 -26.06 -8.51
C VAL A 137 -16.66 -27.00 -8.13
N ALA A 138 -16.97 -27.10 -6.84
CA ALA A 138 -18.04 -27.97 -6.40
C ALA A 138 -19.36 -27.51 -6.95
N VAL A 139 -19.50 -26.23 -7.24
CA VAL A 139 -20.72 -25.75 -7.85
C VAL A 139 -20.82 -26.39 -9.21
N TRP A 140 -19.74 -26.38 -9.96
CA TRP A 140 -19.76 -26.92 -11.29
C TRP A 140 -19.93 -28.42 -11.32
N VAL A 141 -19.26 -29.13 -10.43
CA VAL A 141 -19.38 -30.57 -10.38
C VAL A 141 -20.80 -30.94 -10.15
N LEU A 142 -21.37 -30.42 -9.08
CA LEU A 142 -22.74 -30.78 -8.73
C LEU A 142 -23.67 -30.37 -9.83
N ALA A 143 -23.39 -29.26 -10.46
CA ALA A 143 -24.27 -28.78 -11.51
C ALA A 143 -24.34 -29.83 -12.59
N PHE A 144 -23.18 -30.38 -12.96
CA PHE A 144 -23.14 -31.35 -14.03
C PHE A 144 -23.87 -32.57 -13.61
N LEU A 145 -23.66 -33.01 -12.39
CA LEU A 145 -24.27 -34.24 -11.95
C LEU A 145 -25.80 -34.22 -12.03
N VAL A 146 -26.41 -33.06 -11.81
CA VAL A 146 -27.87 -33.02 -11.78
C VAL A 146 -28.54 -33.38 -13.10
N ASN A 147 -28.03 -32.86 -14.21
CA ASN A 147 -28.68 -33.09 -15.49
C ASN A 147 -27.79 -33.81 -16.47
N GLY A 148 -26.50 -33.49 -16.47
CA GLY A 148 -25.58 -34.11 -17.41
C GLY A 148 -25.52 -35.62 -17.52
N PRO A 149 -25.36 -36.35 -16.38
CA PRO A 149 -25.41 -37.79 -16.55
C PRO A 149 -26.67 -38.24 -17.24
N MET A 150 -27.83 -37.75 -16.82
CA MET A 150 -29.09 -38.22 -17.40
C MET A 150 -29.28 -37.77 -18.83
N ILE A 151 -28.67 -36.66 -19.23
CA ILE A 151 -28.77 -36.27 -20.63
C ILE A 151 -27.94 -37.26 -21.41
N LEU A 152 -26.74 -37.55 -20.93
CA LEU A 152 -25.90 -38.51 -21.62
C LEU A 152 -26.53 -39.89 -21.65
N VAL A 153 -26.97 -40.39 -20.50
CA VAL A 153 -27.55 -41.73 -20.45
C VAL A 153 -28.76 -41.85 -21.33
N SER A 154 -29.66 -40.89 -21.25
CA SER A 154 -30.91 -41.01 -21.98
C SER A 154 -30.86 -40.39 -23.35
N GLU A 155 -29.67 -40.11 -23.84
CA GLU A 155 -29.56 -39.58 -25.18
C GLU A 155 -30.10 -40.64 -26.12
N SER A 156 -30.00 -41.89 -25.69
CA SER A 156 -30.43 -43.00 -26.53
C SER A 156 -31.94 -43.14 -26.59
N TRP A 157 -32.62 -42.88 -25.48
CA TRP A 157 -34.06 -43.10 -25.46
C TRP A 157 -34.74 -42.20 -26.46
N LYS A 158 -34.12 -41.07 -26.77
CA LYS A 158 -34.74 -40.10 -27.66
C LYS A 158 -34.99 -40.67 -29.04
N ASP A 159 -34.23 -41.69 -29.41
CA ASP A 159 -34.38 -42.30 -30.72
C ASP A 159 -34.27 -41.31 -31.87
N GLU A 160 -35.21 -41.32 -32.81
CA GLU A 160 -35.08 -40.44 -33.96
C GLU A 160 -36.32 -39.62 -34.24
N GLY A 161 -36.23 -38.74 -35.24
CA GLY A 161 -37.35 -37.85 -35.55
C GLY A 161 -37.69 -37.07 -34.30
N SER A 162 -36.68 -36.48 -33.67
CA SER A 162 -36.91 -35.76 -32.41
C SER A 162 -36.26 -34.40 -32.33
N GLU A 163 -36.90 -33.45 -31.65
CA GLU A 163 -36.29 -32.14 -31.47
C GLU A 163 -35.15 -32.33 -30.49
N CYS A 164 -34.23 -31.38 -30.42
CA CYS A 164 -33.15 -31.48 -29.45
C CYS A 164 -33.62 -31.21 -28.04
N GLU A 165 -34.11 -32.23 -27.37
CA GLU A 165 -34.54 -32.08 -25.99
C GLU A 165 -33.87 -33.18 -25.22
N PRO A 166 -33.73 -33.02 -23.89
CA PRO A 166 -33.15 -34.17 -23.21
C PRO A 166 -33.99 -35.41 -23.38
N GLY A 167 -33.33 -36.56 -23.40
CA GLY A 167 -34.05 -37.80 -23.60
C GLY A 167 -34.92 -38.15 -22.43
N PHE A 168 -34.54 -37.71 -21.24
CA PHE A 168 -35.31 -38.07 -20.06
C PHE A 168 -36.61 -37.30 -19.99
N PHE A 169 -36.85 -36.42 -20.94
CA PHE A 169 -38.06 -35.61 -20.90
C PHE A 169 -39.26 -36.50 -20.97
N SER A 170 -39.08 -37.69 -21.52
CA SER A 170 -40.19 -38.61 -21.68
C SER A 170 -40.71 -39.03 -20.34
N GLU A 171 -39.81 -39.26 -19.39
CA GLU A 171 -40.23 -39.71 -18.07
C GLU A 171 -40.42 -38.54 -17.15
N TRP A 172 -41.67 -38.24 -16.82
CA TRP A 172 -41.95 -37.10 -15.97
C TRP A 172 -41.28 -37.28 -14.64
N TYR A 173 -41.21 -38.49 -14.14
CA TYR A 173 -40.66 -38.66 -12.81
C TYR A 173 -39.21 -38.25 -12.77
N ILE A 174 -38.44 -38.64 -13.78
CA ILE A 174 -37.03 -38.27 -13.82
C ILE A 174 -36.91 -36.77 -13.98
N LEU A 175 -37.72 -36.20 -14.86
CA LEU A 175 -37.69 -34.77 -15.04
C LEU A 175 -37.96 -34.09 -13.73
N ALA A 176 -38.85 -34.63 -12.92
CA ALA A 176 -39.21 -33.99 -11.68
C ALA A 176 -38.03 -33.99 -10.74
N ILE A 177 -37.32 -35.10 -10.66
CA ILE A 177 -36.20 -35.19 -9.76
C ILE A 177 -35.21 -34.10 -10.12
N THR A 178 -34.93 -33.94 -11.40
CA THR A 178 -33.95 -32.95 -11.81
C THR A 178 -34.40 -31.55 -11.46
N SER A 179 -35.65 -31.18 -11.74
CA SER A 179 -36.13 -29.86 -11.36
C SER A 179 -36.19 -29.67 -9.86
N PHE A 180 -36.37 -30.73 -9.10
CA PHE A 180 -36.33 -30.60 -7.65
C PHE A 180 -34.93 -30.19 -7.27
N LEU A 181 -33.94 -30.87 -7.80
CA LEU A 181 -32.56 -30.56 -7.45
C LEU A 181 -32.05 -29.26 -8.10
N GLU A 182 -32.67 -28.79 -9.16
CA GLU A 182 -32.21 -27.55 -9.75
C GLU A 182 -33.08 -26.33 -9.53
N PHE A 183 -34.32 -26.51 -9.12
CA PHE A 183 -35.15 -25.35 -8.81
C PHE A 183 -35.71 -25.41 -7.42
N VAL A 184 -36.39 -26.47 -7.05
CA VAL A 184 -37.00 -26.51 -5.74
C VAL A 184 -35.97 -26.37 -4.64
N ILE A 185 -34.96 -27.22 -4.60
CA ILE A 185 -33.98 -27.11 -3.54
C ILE A 185 -33.31 -25.76 -3.56
N PRO A 186 -32.85 -25.31 -4.73
CA PRO A 186 -32.27 -23.97 -4.65
C PRO A 186 -33.24 -22.87 -4.22
N VAL A 187 -34.49 -22.84 -4.68
CA VAL A 187 -35.38 -21.74 -4.32
C VAL A 187 -35.79 -21.77 -2.86
N ILE A 188 -35.81 -22.94 -2.24
CA ILE A 188 -36.08 -23.01 -0.82
C ILE A 188 -34.92 -22.39 -0.09
N LEU A 189 -33.71 -22.76 -0.47
CA LEU A 189 -32.53 -22.26 0.22
C LEU A 189 -32.22 -20.80 -0.04
N VAL A 190 -32.30 -20.31 -1.26
CA VAL A 190 -32.09 -18.90 -1.48
C VAL A 190 -33.06 -18.14 -0.61
N ALA A 191 -34.27 -18.64 -0.46
CA ALA A 191 -35.27 -17.93 0.32
C ALA A 191 -35.01 -17.99 1.80
N TYR A 192 -34.53 -19.11 2.30
CA TYR A 192 -34.21 -19.19 3.70
C TYR A 192 -33.13 -18.20 3.97
N PHE A 193 -32.03 -18.30 3.24
CA PHE A 193 -30.90 -17.44 3.46
C PHE A 193 -31.28 -16.01 3.38
N ASN A 194 -31.93 -15.61 2.31
CA ASN A 194 -32.36 -14.25 2.17
C ASN A 194 -33.26 -13.82 3.31
N MET A 195 -34.04 -14.73 3.86
CA MET A 195 -34.97 -14.36 4.92
C MET A 195 -34.22 -14.10 6.19
N ASN A 196 -33.25 -14.94 6.50
CA ASN A 196 -32.44 -14.73 7.68
C ASN A 196 -31.63 -13.47 7.57
N ILE A 197 -31.28 -13.04 6.36
CA ILE A 197 -30.58 -11.79 6.17
C ILE A 197 -31.50 -10.65 6.59
N TYR A 198 -32.77 -10.72 6.26
CA TYR A 198 -33.71 -9.68 6.69
C TYR A 198 -34.02 -9.79 8.15
N TRP A 199 -34.35 -10.98 8.62
CA TRP A 199 -34.73 -11.14 10.00
C TRP A 199 -33.65 -10.57 10.86
N SER A 200 -32.41 -10.76 10.46
CA SER A 200 -31.32 -10.27 11.27
C SER A 200 -31.34 -8.78 11.45
N LEU A 201 -31.24 -8.03 10.37
CA LEU A 201 -31.21 -6.58 10.48
C LEU A 201 -32.35 -6.09 11.35
N TRP A 202 -33.57 -6.52 11.05
CA TRP A 202 -34.74 -6.02 11.79
C TRP A 202 -34.65 -6.34 13.26
N LYS A 203 -34.16 -7.52 13.57
CA LYS A 203 -34.09 -7.93 14.96
C LYS A 203 -32.70 -7.67 15.47
N ARG A 204 -31.89 -6.91 14.75
CA ARG A 204 -30.57 -6.57 15.31
C ARG A 204 -29.97 -7.76 16.09
N ASP A 205 -30.08 -9.00 15.58
CA ASP A 205 -29.62 -10.13 16.38
C ASP A 205 -28.54 -10.93 15.68
N GLU A 223 -36.58 5.40 14.53
CA GLU A 223 -37.33 4.25 14.05
C GLU A 223 -37.88 4.49 12.67
N HIS A 224 -38.09 5.75 12.30
CA HIS A 224 -38.53 6.03 10.95
C HIS A 224 -37.46 5.57 9.99
N VAL A 225 -36.21 5.86 10.31
CA VAL A 225 -35.10 5.46 9.44
C VAL A 225 -34.95 3.96 9.48
N GLU A 226 -35.06 3.38 10.66
CA GLU A 226 -34.90 1.94 10.80
C GLU A 226 -35.92 1.19 9.97
N LEU A 227 -37.18 1.60 10.02
CA LEU A 227 -38.21 0.87 9.31
C LEU A 227 -38.17 1.21 7.84
N LEU A 228 -37.66 2.37 7.50
CA LEU A 228 -37.51 2.69 6.11
C LEU A 228 -36.42 1.83 5.51
N ARG A 229 -35.32 1.65 6.22
CA ARG A 229 -34.21 0.86 5.71
C ARG A 229 -34.58 -0.59 5.61
N ALA A 230 -35.35 -1.09 6.56
CA ALA A 230 -35.78 -2.47 6.53
C ALA A 230 -36.64 -2.69 5.31
N ARG A 231 -37.36 -1.68 4.87
CA ARG A 231 -38.15 -1.84 3.67
C ARG A 231 -37.23 -2.01 2.50
N ARG A 232 -36.18 -1.21 2.44
CA ARG A 232 -35.26 -1.30 1.33
C ARG A 232 -34.52 -2.63 1.32
N LEU A 233 -34.19 -3.17 2.48
CA LEU A 233 -33.56 -4.48 2.53
C LEU A 233 -34.53 -5.49 1.96
N ALA A 234 -35.75 -5.53 2.47
CA ALA A 234 -36.67 -6.56 2.00
C ALA A 234 -37.02 -6.39 0.55
N LYS A 235 -37.17 -5.18 0.07
CA LYS A 235 -37.43 -4.99 -1.34
C LYS A 235 -36.32 -5.62 -2.12
N SER A 236 -35.07 -5.30 -1.77
CA SER A 236 -33.94 -5.80 -2.53
C SER A 236 -33.75 -7.28 -2.38
N LEU A 237 -33.95 -7.83 -1.20
CA LEU A 237 -33.84 -9.26 -1.06
C LEU A 237 -34.96 -9.96 -1.81
N ALA A 238 -36.14 -9.36 -1.84
CA ALA A 238 -37.25 -9.94 -2.60
C ALA A 238 -37.03 -9.97 -4.09
N ILE A 239 -36.49 -8.89 -4.65
CA ILE A 239 -36.21 -8.86 -6.06
C ILE A 239 -35.30 -10.01 -6.38
N LEU A 240 -34.30 -10.23 -5.56
CA LEU A 240 -33.34 -11.28 -5.83
C LEU A 240 -34.00 -12.64 -5.84
N LEU A 241 -34.88 -12.94 -4.90
CA LEU A 241 -35.59 -14.21 -4.94
C LEU A 241 -36.58 -14.23 -6.07
N GLY A 242 -37.24 -13.12 -6.30
CA GLY A 242 -38.23 -13.03 -7.35
C GLY A 242 -37.68 -13.30 -8.72
N VAL A 243 -36.62 -12.62 -9.13
CA VAL A 243 -36.05 -12.81 -10.45
C VAL A 243 -35.60 -14.25 -10.61
N PHE A 244 -35.06 -14.86 -9.57
CA PHE A 244 -34.70 -16.26 -9.67
C PHE A 244 -35.92 -17.03 -10.09
N ALA A 245 -36.94 -17.09 -9.25
CA ALA A 245 -38.11 -17.88 -9.56
C ALA A 245 -38.90 -17.44 -10.78
N VAL A 246 -39.18 -16.16 -10.94
CA VAL A 246 -40.02 -15.72 -12.06
C VAL A 246 -39.34 -16.08 -13.36
N CYS A 247 -38.02 -16.16 -13.35
CA CYS A 247 -37.30 -16.59 -14.55
C CYS A 247 -37.26 -18.08 -14.64
N TRP A 248 -36.65 -18.72 -13.67
CA TRP A 248 -36.50 -20.16 -13.72
C TRP A 248 -37.76 -21.02 -13.67
N ALA A 249 -38.74 -20.66 -12.87
CA ALA A 249 -39.90 -21.54 -12.72
C ALA A 249 -40.78 -21.77 -13.94
N PRO A 250 -41.20 -20.70 -14.68
CA PRO A 250 -42.07 -21.00 -15.80
C PRO A 250 -41.70 -22.27 -16.54
N TYR A 251 -40.44 -22.43 -16.91
CA TYR A 251 -40.04 -23.60 -17.66
C TYR A 251 -40.05 -24.87 -16.85
N SER A 252 -39.46 -24.87 -15.66
CA SER A 252 -39.38 -26.11 -14.91
C SER A 252 -40.76 -26.67 -14.73
N LEU A 253 -41.71 -25.80 -14.45
CA LEU A 253 -43.08 -26.24 -14.26
C LEU A 253 -43.70 -26.65 -15.57
N PHE A 254 -43.42 -25.92 -16.64
CA PHE A 254 -44.05 -26.22 -17.91
C PHE A 254 -43.67 -27.60 -18.35
N THR A 255 -42.41 -27.96 -18.20
CA THR A 255 -41.99 -29.25 -18.67
C THR A 255 -42.69 -30.36 -17.95
N ILE A 256 -42.67 -30.35 -16.64
CA ILE A 256 -43.23 -31.48 -15.90
C ILE A 256 -44.67 -31.71 -16.25
N VAL A 257 -45.46 -30.63 -16.26
CA VAL A 257 -46.88 -30.79 -16.52
C VAL A 257 -47.11 -31.35 -17.90
N LEU A 258 -46.37 -30.85 -18.89
CA LEU A 258 -46.54 -31.32 -20.26
C LEU A 258 -46.17 -32.77 -20.29
N SER A 259 -45.02 -33.11 -19.74
CA SER A 259 -44.58 -34.49 -19.77
C SER A 259 -45.56 -35.42 -19.08
N PHE A 260 -45.94 -35.10 -17.85
CA PHE A 260 -46.83 -35.97 -17.10
C PHE A 260 -48.20 -36.11 -17.74
N TYR A 261 -48.76 -35.01 -18.22
CA TYR A 261 -50.11 -35.07 -18.78
C TYR A 261 -50.14 -35.26 -20.27
N SER A 262 -49.53 -34.34 -21.01
CA SER A 262 -49.63 -34.38 -22.47
C SER A 262 -48.63 -35.29 -23.12
N SER A 263 -47.43 -35.37 -22.55
CA SER A 263 -46.39 -36.25 -23.03
C SER A 263 -45.93 -35.78 -24.39
N ALA A 264 -45.61 -34.50 -24.47
CA ALA A 264 -45.13 -33.93 -25.72
C ALA A 264 -43.79 -33.24 -25.51
N PRO A 267 -44.75 -29.49 -31.57
CA PRO A 267 -45.24 -29.99 -30.29
C PRO A 267 -44.92 -29.03 -29.15
N LYS A 268 -44.24 -27.94 -29.43
CA LYS A 268 -43.93 -26.96 -28.40
C LYS A 268 -44.63 -25.68 -28.76
N SER A 269 -45.36 -25.10 -27.80
CA SER A 269 -46.14 -23.90 -28.09
C SER A 269 -45.31 -22.63 -28.13
N VAL A 270 -45.97 -21.50 -28.26
CA VAL A 270 -45.25 -20.24 -28.22
C VAL A 270 -44.77 -20.08 -26.79
N TRP A 271 -45.61 -20.45 -25.84
CA TRP A 271 -45.29 -20.28 -24.43
C TRP A 271 -44.09 -21.08 -23.98
N TYR A 272 -44.08 -22.35 -24.32
CA TYR A 272 -42.98 -23.20 -23.90
C TYR A 272 -41.74 -22.46 -24.35
N ARG A 273 -41.77 -21.92 -25.55
CA ARG A 273 -40.59 -21.28 -26.05
C ARG A 273 -40.35 -19.95 -25.37
N ILE A 274 -41.36 -19.40 -24.73
CA ILE A 274 -41.15 -18.17 -23.99
C ILE A 274 -40.47 -18.56 -22.69
N ALA A 275 -40.86 -19.70 -22.15
CA ALA A 275 -40.28 -20.16 -20.91
C ALA A 275 -38.87 -20.65 -21.11
N PHE A 276 -38.55 -21.11 -22.29
CA PHE A 276 -37.18 -21.51 -22.55
C PHE A 276 -36.37 -20.27 -22.41
N TRP A 277 -36.81 -19.24 -23.06
CA TRP A 277 -36.02 -18.03 -23.05
C TRP A 277 -36.00 -17.30 -21.75
N LEU A 278 -36.97 -17.53 -20.89
CA LEU A 278 -36.97 -16.89 -19.58
C LEU A 278 -35.80 -17.37 -18.76
N GLN A 279 -35.54 -18.66 -18.81
CA GLN A 279 -34.46 -19.22 -18.03
C GLN A 279 -33.13 -18.78 -18.54
N TRP A 280 -33.08 -17.98 -19.58
CA TRP A 280 -31.80 -17.52 -20.01
C TRP A 280 -31.77 -16.11 -19.69
N PHE A 281 -32.92 -15.49 -19.67
CA PHE A 281 -32.90 -14.12 -19.23
C PHE A 281 -32.38 -14.04 -17.81
N ASN A 282 -32.45 -15.12 -17.05
CA ASN A 282 -31.86 -15.11 -15.71
C ASN A 282 -30.37 -14.91 -15.81
N SER A 283 -29.73 -15.49 -16.81
CA SER A 283 -28.30 -15.23 -16.98
C SER A 283 -27.96 -13.82 -17.43
N PHE A 284 -28.90 -13.08 -18.02
CA PHE A 284 -28.64 -11.68 -18.38
C PHE A 284 -28.76 -10.81 -17.17
N VAL A 285 -29.82 -11.00 -16.40
CA VAL A 285 -30.05 -10.15 -15.24
C VAL A 285 -29.14 -10.50 -14.05
N ASN A 286 -28.55 -11.67 -14.02
CA ASN A 286 -27.70 -12.04 -12.90
C ASN A 286 -26.54 -11.08 -12.70
N PRO A 287 -25.84 -10.69 -13.76
CA PRO A 287 -24.79 -9.75 -13.45
C PRO A 287 -25.28 -8.43 -12.97
N LEU A 288 -26.47 -8.04 -13.36
CA LEU A 288 -27.03 -6.78 -12.91
C LEU A 288 -27.38 -6.84 -11.44
N LEU A 289 -28.06 -7.88 -11.01
CA LEU A 289 -28.44 -7.97 -9.63
C LEU A 289 -27.27 -8.22 -8.70
N TYR A 290 -26.63 -9.36 -8.79
CA TYR A 290 -25.59 -9.66 -7.82
C TYR A 290 -24.29 -8.84 -7.90
N PRO A 291 -23.43 -9.02 -8.93
CA PRO A 291 -22.17 -8.25 -8.86
C PRO A 291 -22.24 -6.76 -9.03
N LEU A 292 -23.03 -6.24 -9.95
CA LEU A 292 -23.04 -4.81 -10.22
C LEU A 292 -23.43 -4.01 -9.01
N CYS A 293 -24.36 -4.53 -8.22
CA CYS A 293 -24.79 -3.84 -7.02
C CYS A 293 -23.77 -3.85 -5.89
N HIS A 294 -22.77 -4.72 -5.96
CA HIS A 294 -21.75 -4.73 -4.94
C HIS A 294 -20.97 -3.46 -5.07
N LYS A 295 -20.73 -2.78 -3.96
CA LYS A 295 -20.01 -1.53 -3.99
C LYS A 295 -18.60 -1.68 -4.49
N ARG A 296 -17.91 -2.72 -4.07
CA ARG A 296 -16.54 -2.90 -4.48
C ARG A 296 -16.42 -3.15 -5.96
N PHE A 297 -17.38 -3.86 -6.55
CA PHE A 297 -17.34 -4.06 -7.97
C PHE A 297 -17.67 -2.78 -8.68
N GLN A 298 -18.57 -1.99 -8.11
CA GLN A 298 -18.91 -0.71 -8.70
C GLN A 298 -17.67 0.17 -8.77
N LYS A 299 -16.86 0.17 -7.71
CA LYS A 299 -15.65 0.98 -7.69
C LYS A 299 -14.75 0.53 -8.81
N ALA A 300 -14.59 -0.77 -8.96
CA ALA A 300 -13.73 -1.31 -9.97
C ALA A 300 -14.23 -0.98 -11.37
N PHE A 301 -15.53 -1.01 -11.55
CA PHE A 301 -16.08 -0.75 -12.87
C PHE A 301 -15.79 0.69 -13.19
N LEU A 302 -16.01 1.58 -12.23
CA LEU A 302 -15.81 2.99 -12.49
C LEU A 302 -14.37 3.28 -12.91
N LYS A 303 -13.40 2.61 -12.35
CA LYS A 303 -12.04 2.81 -12.78
C LYS A 303 -11.89 2.44 -14.23
N ILE A 304 -12.34 1.26 -14.60
CA ILE A 304 -12.18 0.78 -15.98
C ILE A 304 -12.82 1.77 -16.94
N PHE A 305 -13.86 2.45 -16.49
CA PHE A 305 -14.51 3.44 -17.34
C PHE A 305 -14.16 4.85 -16.91
N CYS B 3 14.28 -15.38 -19.71
CA CYS B 3 14.14 -14.04 -20.25
C CYS B 3 15.49 -13.35 -20.36
N THR B 4 15.47 -12.05 -20.66
CA THR B 4 16.69 -11.26 -20.72
C THR B 4 17.24 -10.94 -19.34
N LEU B 5 16.48 -11.19 -18.28
CA LEU B 5 16.95 -10.91 -16.93
C LEU B 5 18.15 -11.79 -16.59
N SER B 6 19.16 -11.19 -15.99
CA SER B 6 20.31 -11.96 -15.54
C SER B 6 19.96 -12.77 -14.30
N ALA B 7 20.94 -13.53 -13.81
CA ALA B 7 20.70 -14.34 -12.63
C ALA B 7 20.34 -13.49 -11.43
N GLU B 8 21.09 -12.40 -11.22
CA GLU B 8 20.83 -11.54 -10.09
C GLU B 8 19.51 -10.80 -10.25
N ASP B 9 19.17 -10.39 -11.47
CA ASP B 9 17.88 -9.74 -11.69
C ASP B 9 16.73 -10.69 -11.41
N LYS B 10 16.87 -11.95 -11.83
CA LYS B 10 15.82 -12.93 -11.55
C LYS B 10 15.70 -13.19 -10.06
N ALA B 11 16.82 -13.25 -9.34
CA ALA B 11 16.75 -13.44 -7.90
C ALA B 11 16.12 -12.23 -7.21
N ALA B 12 16.41 -11.02 -7.72
CA ALA B 12 15.80 -9.82 -7.17
C ALA B 12 14.29 -9.82 -7.42
N VAL B 13 13.86 -10.28 -8.59
CA VAL B 13 12.44 -10.36 -8.88
C VAL B 13 11.77 -11.38 -7.97
N GLU B 14 12.45 -12.50 -7.71
CA GLU B 14 11.90 -13.47 -6.77
C GLU B 14 11.79 -12.89 -5.37
N ARG B 15 12.79 -12.12 -4.93
CA ARG B 15 12.72 -11.46 -3.64
C ARG B 15 11.56 -10.48 -3.59
N SER B 16 11.35 -9.73 -4.68
CA SER B 16 10.23 -8.80 -4.72
C SER B 16 8.90 -9.54 -4.65
N LYS B 17 8.80 -10.70 -5.31
CA LYS B 17 7.58 -11.49 -5.22
C LYS B 17 7.35 -11.97 -3.79
N MET B 18 8.41 -12.37 -3.10
CA MET B 18 8.25 -12.77 -1.70
C MET B 18 7.83 -11.60 -0.83
N ILE B 19 8.39 -10.41 -1.10
CA ILE B 19 7.97 -9.21 -0.39
C ILE B 19 6.49 -8.95 -0.63
N ASP B 20 6.03 -9.11 -1.85
CA ASP B 20 4.63 -8.89 -2.15
C ASP B 20 3.75 -9.90 -1.46
N ARG B 21 4.19 -11.15 -1.37
CA ARG B 21 3.41 -12.15 -0.65
C ARG B 21 3.30 -11.81 0.83
N ASN B 22 4.41 -11.38 1.43
CA ASN B 22 4.37 -10.99 2.84
C ASN B 22 3.46 -9.79 3.06
N LEU B 23 3.52 -8.81 2.15
CA LEU B 23 2.64 -7.64 2.26
C LEU B 23 1.18 -8.06 2.16
N ARG B 24 0.87 -8.96 1.22
CA ARG B 24 -0.51 -9.42 1.07
C ARG B 24 -0.99 -10.14 2.32
N GLU B 25 -0.16 -11.01 2.88
CA GLU B 25 -0.55 -11.73 4.09
C GLU B 25 -0.77 -10.77 5.25
N ASP B 26 0.14 -9.80 5.42
CA ASP B 26 -0.01 -8.85 6.52
C ASP B 26 -1.25 -7.97 6.33
N GLY B 27 -1.52 -7.56 5.09
CA GLY B 27 -2.70 -6.74 4.84
C GLY B 27 -3.99 -7.50 5.08
N GLU B 28 -4.05 -8.76 4.65
CA GLU B 28 -5.25 -9.54 4.90
C GLU B 28 -5.42 -9.87 6.37
N LYS B 29 -4.30 -9.96 7.12
CA LYS B 29 -4.41 -10.13 8.57
C LYS B 29 -4.88 -8.84 9.24
N ALA B 30 -4.47 -7.69 8.72
CA ALA B 30 -4.86 -6.41 9.30
C ALA B 30 -6.31 -6.08 8.99
N ALA B 31 -6.82 -6.49 7.83
CA ALA B 31 -8.22 -6.23 7.50
C ALA B 31 -9.18 -7.04 8.34
N ARG B 32 -8.68 -8.03 9.09
CA ARG B 32 -9.50 -8.85 9.96
C ARG B 32 -9.56 -8.33 11.40
N GLU B 33 -9.00 -7.15 11.65
CA GLU B 33 -8.98 -6.55 12.98
C GLU B 33 -9.86 -5.31 13.01
N VAL B 34 -10.58 -5.14 14.11
CA VAL B 34 -11.47 -4.00 14.27
C VAL B 34 -10.65 -2.80 14.75
N LYS B 35 -10.72 -1.70 14.01
CA LYS B 35 -10.02 -0.48 14.34
C LYS B 35 -11.01 0.53 14.90
N LEU B 36 -10.83 0.89 16.17
CA LEU B 36 -11.73 1.79 16.88
C LEU B 36 -10.98 3.07 17.22
N LEU B 37 -11.51 4.21 16.81
CA LEU B 37 -10.90 5.48 17.17
C LEU B 37 -11.51 5.97 18.48
N LEU B 38 -10.68 6.15 19.49
CA LEU B 38 -11.14 6.52 20.82
C LEU B 38 -10.99 8.03 21.00
N LEU B 39 -12.07 8.69 21.38
CA LEU B 39 -12.10 10.14 21.52
C LEU B 39 -12.80 10.52 22.81
N GLY B 40 -12.47 11.70 23.31
CA GLY B 40 -13.08 12.21 24.52
C GLY B 40 -12.58 13.61 24.79
N ALA B 41 -13.27 14.29 25.70
CA ALA B 41 -12.94 15.66 26.07
C ALA B 41 -12.27 15.65 27.44
N GLY B 42 -11.00 16.01 27.49
CA GLY B 42 -10.28 15.98 28.75
C GLY B 42 -10.17 14.56 29.27
N GLU B 43 -10.34 14.40 30.58
CA GLU B 43 -10.38 13.06 31.17
C GLU B 43 -11.58 12.29 30.65
N SER B 44 -12.78 12.75 30.97
CA SER B 44 -14.03 12.18 30.49
C SER B 44 -14.12 10.68 30.71
N GLY B 45 -13.37 10.16 31.69
CA GLY B 45 -13.34 8.75 31.94
C GLY B 45 -12.72 7.92 30.84
N LYS B 46 -12.17 8.57 29.81
CA LYS B 46 -11.64 7.85 28.64
C LYS B 46 -10.59 6.91 29.08
N ASN B 47 -9.75 7.37 29.99
CA ASN B 47 -8.69 6.53 30.47
C ASN B 47 -9.28 5.32 31.14
N THR B 48 -10.36 5.52 31.87
CA THR B 48 -11.00 4.38 32.50
C THR B 48 -11.51 3.41 31.47
N ILE B 49 -12.02 3.92 30.36
CA ILE B 49 -12.50 3.04 29.31
C ILE B 49 -11.33 2.22 28.81
N VAL B 50 -10.17 2.85 28.67
CA VAL B 50 -9.01 2.10 28.27
C VAL B 50 -8.70 1.05 29.32
N LYS B 51 -8.82 1.39 30.59
CA LYS B 51 -8.61 0.39 31.65
C LYS B 51 -9.57 -0.79 31.54
N GLN B 52 -10.86 -0.50 31.35
CA GLN B 52 -11.87 -1.54 31.26
C GLN B 52 -11.45 -2.66 30.31
N MET B 53 -10.88 -2.29 29.16
CA MET B 53 -10.56 -3.22 28.09
C MET B 53 -9.05 -3.25 27.89
N LYS B 54 -8.41 -4.33 28.34
CA LYS B 54 -6.97 -4.49 28.20
C LYS B 54 -6.57 -5.96 28.26
N THR B 181 3.09 8.83 27.05
CA THR B 181 3.18 10.22 27.48
C THR B 181 2.71 11.17 26.38
N THR B 182 3.12 10.91 25.15
CA THR B 182 2.78 11.73 24.01
C THR B 182 2.40 10.84 22.83
N GLY B 183 1.69 11.42 21.88
CA GLY B 183 1.32 10.71 20.67
C GLY B 183 0.15 9.77 20.86
N ILE B 184 -0.09 8.96 19.84
CA ILE B 184 -1.18 8.01 19.85
C ILE B 184 -0.83 6.85 20.78
N VAL B 185 -1.81 6.42 21.56
CA VAL B 185 -1.68 5.23 22.40
C VAL B 185 -2.59 4.16 21.82
N GLU B 186 -1.99 3.06 21.38
CA GLU B 186 -2.74 1.97 20.77
C GLU B 186 -2.89 0.83 21.76
N THR B 187 -4.14 0.42 21.99
CA THR B 187 -4.46 -0.70 22.85
C THR B 187 -4.99 -1.83 22.00
N HIS B 188 -4.32 -2.98 22.05
CA HIS B 188 -4.71 -4.16 21.29
C HIS B 188 -5.30 -5.17 22.26
N PHE B 189 -6.57 -5.50 22.09
CA PHE B 189 -7.20 -6.51 22.94
C PHE B 189 -8.12 -7.39 22.11
N THR B 190 -8.16 -8.67 22.45
CA THR B 190 -9.03 -9.62 21.79
C THR B 190 -10.22 -9.93 22.68
N PHE B 191 -11.37 -10.16 22.05
CA PHE B 191 -12.60 -10.45 22.77
C PHE B 191 -13.47 -11.31 21.87
N LYS B 192 -13.85 -12.49 22.36
CA LYS B 192 -14.71 -13.42 21.61
C LYS B 192 -14.16 -13.65 20.20
N ASP B 193 -12.84 -13.87 20.13
CA ASP B 193 -12.14 -14.15 18.88
C ASP B 193 -12.24 -12.99 17.88
N LEU B 194 -12.34 -11.77 18.39
CA LEU B 194 -12.32 -10.57 17.56
C LEU B 194 -11.28 -9.62 18.10
N HIS B 195 -10.38 -9.14 17.25
CA HIS B 195 -9.24 -8.33 17.66
C HIS B 195 -9.55 -6.86 17.46
N PHE B 196 -9.48 -6.08 18.53
CA PHE B 196 -9.73 -4.65 18.50
C PHE B 196 -8.42 -3.91 18.71
N LYS B 197 -8.16 -2.93 17.84
CA LYS B 197 -7.07 -1.99 18.01
C LYS B 197 -7.71 -0.63 18.25
N MET B 198 -7.58 -0.12 19.46
CA MET B 198 -8.20 1.13 19.86
C MET B 198 -7.13 2.21 19.94
N PHE B 199 -7.33 3.31 19.21
CA PHE B 199 -6.34 4.35 19.07
C PHE B 199 -6.78 5.58 19.88
N ASP B 200 -6.21 5.73 21.07
CA ASP B 200 -6.46 6.90 21.89
C ASP B 200 -5.57 8.04 21.43
N VAL B 201 -6.18 9.07 20.86
CA VAL B 201 -5.46 10.19 20.27
C VAL B 201 -5.65 11.39 21.10
N GLY B 202 -5.94 11.19 22.37
CA GLY B 202 -6.19 12.30 23.27
C GLY B 202 -5.03 13.19 23.49
N ALA B 203 -3.85 12.62 23.52
CA ALA B 203 -2.67 13.37 23.80
C ALA B 203 -2.23 14.30 22.75
N GLN B 204 -2.77 14.20 21.56
CA GLN B 204 -2.27 15.02 20.50
C GLN B 204 -2.89 16.36 20.58
N ARG B 205 -2.29 17.22 21.37
CA ARG B 205 -2.77 18.56 21.51
C ARG B 205 -2.27 19.26 20.31
N SER B 206 -2.76 18.89 19.15
CA SER B 206 -2.37 19.50 17.89
C SER B 206 -3.65 19.86 17.12
N GLU B 207 -3.46 20.40 15.92
CA GLU B 207 -4.59 20.75 15.08
C GLU B 207 -5.24 19.48 14.52
N ARG B 208 -6.46 19.18 14.97
CA ARG B 208 -7.09 17.91 14.63
C ARG B 208 -7.39 17.82 13.13
N LYS B 209 -7.57 18.96 12.47
CA LYS B 209 -7.91 18.94 11.05
C LYS B 209 -6.78 18.38 10.21
N LYS B 210 -5.55 18.47 10.71
CA LYS B 210 -4.39 18.06 9.93
C LYS B 210 -4.08 16.57 10.06
N TRP B 211 -4.72 15.86 10.99
CA TRP B 211 -4.44 14.44 11.16
C TRP B 211 -5.67 13.58 11.36
N ILE B 212 -6.87 14.15 11.37
CA ILE B 212 -8.06 13.35 11.62
C ILE B 212 -8.41 12.47 10.43
N HIS B 213 -7.94 12.82 9.22
CA HIS B 213 -8.23 12.01 8.05
C HIS B 213 -7.46 10.70 8.04
N CYS B 214 -6.49 10.53 8.95
CA CYS B 214 -5.78 9.26 9.04
C CYS B 214 -6.69 8.13 9.50
N PHE B 215 -7.79 8.45 10.16
CA PHE B 215 -8.70 7.45 10.71
C PHE B 215 -9.97 7.32 9.87
N GLU B 216 -9.88 7.60 8.58
CA GLU B 216 -11.06 7.57 7.73
C GLU B 216 -11.68 6.18 7.66
N GLY B 217 -10.87 5.13 7.82
CA GLY B 217 -11.36 3.78 7.67
C GLY B 217 -11.59 3.01 8.95
N VAL B 218 -11.70 3.70 10.08
CA VAL B 218 -11.93 3.01 11.34
C VAL B 218 -13.33 2.40 11.35
N THR B 219 -13.46 1.25 12.02
CA THR B 219 -14.76 0.59 12.10
C THR B 219 -15.76 1.43 12.89
N ALA B 220 -15.33 2.00 14.01
CA ALA B 220 -16.23 2.78 14.83
C ALA B 220 -15.43 3.80 15.63
N ILE B 221 -16.13 4.79 16.15
CA ILE B 221 -15.53 5.86 16.94
C ILE B 221 -16.13 5.79 18.33
N ILE B 222 -15.34 5.36 19.31
CA ILE B 222 -15.80 5.31 20.70
C ILE B 222 -15.61 6.69 21.31
N PHE B 223 -16.71 7.39 21.53
CA PHE B 223 -16.70 8.78 22.00
C PHE B 223 -17.15 8.77 23.45
N CYS B 224 -16.25 9.13 24.37
CA CYS B 224 -16.54 9.11 25.79
C CYS B 224 -16.92 10.51 26.27
N VAL B 225 -18.03 10.59 27.00
CA VAL B 225 -18.52 11.84 27.56
C VAL B 225 -18.78 11.64 29.04
N ALA B 226 -18.25 12.54 29.87
CA ALA B 226 -18.50 12.47 31.30
C ALA B 226 -19.80 13.18 31.62
N LEU B 227 -20.77 12.44 32.18
CA LEU B 227 -22.04 13.04 32.57
C LEU B 227 -21.85 14.06 33.69
N SER B 228 -20.98 13.74 34.65
CA SER B 228 -20.78 14.64 35.78
C SER B 228 -20.26 16.00 35.36
N ASP B 229 -19.73 16.12 34.14
CA ASP B 229 -19.29 17.40 33.62
C ASP B 229 -20.45 18.31 33.24
N TYR B 230 -21.70 17.94 33.51
CA TYR B 230 -22.81 18.82 33.15
C TYR B 230 -22.76 20.13 33.92
N ASP B 231 -22.44 20.08 35.21
CA ASP B 231 -22.35 21.28 36.04
C ASP B 231 -20.93 21.81 36.18
N LEU B 232 -19.94 20.94 36.04
CA LEU B 232 -18.56 21.37 36.15
C LEU B 232 -18.24 22.36 35.06
N VAL B 233 -17.35 23.30 35.31
CA VAL B 233 -16.97 24.25 34.27
C VAL B 233 -15.56 24.00 33.82
N LEU B 234 -15.29 24.32 32.57
CA LEU B 234 -13.97 24.04 32.03
C LEU B 234 -12.86 24.74 32.80
N ALA B 235 -11.86 23.99 33.22
CA ALA B 235 -10.71 24.61 33.88
C ALA B 235 -10.03 25.62 32.97
N GLU B 236 -9.89 25.29 31.69
CA GLU B 236 -9.21 26.18 30.76
C GLU B 236 -9.98 27.49 30.58
N ASP B 237 -11.31 27.39 30.44
CA ASP B 237 -12.16 28.57 30.28
C ASP B 237 -13.28 28.49 31.29
N GLU B 238 -13.32 29.46 32.21
CA GLU B 238 -14.35 29.46 33.25
C GLU B 238 -15.74 29.69 32.66
N GLU B 239 -15.83 30.50 31.59
CA GLU B 239 -17.13 30.72 30.96
C GLU B 239 -17.66 29.45 30.30
N MET B 240 -16.79 28.68 29.66
CA MET B 240 -17.21 27.51 28.91
C MET B 240 -17.62 26.38 29.85
N ASN B 241 -18.64 25.64 29.45
CA ASN B 241 -19.12 24.47 30.18
C ASN B 241 -18.54 23.21 29.56
N ARG B 242 -18.12 22.27 30.42
CA ARG B 242 -17.47 21.05 29.94
C ARG B 242 -18.42 20.22 29.09
N MET B 243 -19.68 20.10 29.51
CA MET B 243 -20.64 19.31 28.75
C MET B 243 -20.86 19.91 27.37
N HIS B 244 -21.00 21.20 27.27
CA HIS B 244 -21.28 21.77 25.98
C HIS B 244 -20.06 21.67 25.17
N ALA B 245 -18.93 21.49 25.79
CA ALA B 245 -17.74 21.28 25.01
C ALA B 245 -17.77 19.97 24.33
N SER B 246 -18.19 18.95 25.05
CA SER B 246 -18.17 17.64 24.49
C SER B 246 -19.19 17.66 23.45
N MET B 247 -20.24 18.41 23.67
CA MET B 247 -21.23 18.48 22.60
C MET B 247 -20.65 19.09 21.33
N LYS B 248 -19.84 20.13 21.47
CA LYS B 248 -19.18 20.71 20.30
C LYS B 248 -18.24 19.72 19.65
N LEU B 249 -17.46 18.99 20.45
CA LEU B 249 -16.56 18.00 19.89
C LEU B 249 -17.34 16.89 19.18
N PHE B 250 -18.44 16.45 19.77
CA PHE B 250 -19.26 15.41 19.15
C PHE B 250 -19.88 15.91 17.85
N ASP B 251 -20.33 17.16 17.82
CA ASP B 251 -20.88 17.72 16.59
C ASP B 251 -19.81 17.81 15.51
N SER B 252 -18.59 18.16 15.90
CA SER B 252 -17.51 18.23 14.92
C SER B 252 -17.12 16.85 14.41
N ILE B 253 -17.19 15.83 15.26
CA ILE B 253 -16.66 14.53 14.88
C ILE B 253 -17.69 13.62 14.21
N CYS B 254 -18.98 13.75 14.54
CA CYS B 254 -19.98 12.92 13.89
C CYS B 254 -20.33 13.45 12.50
N ASN B 255 -20.28 14.76 12.31
CA ASN B 255 -20.58 15.37 11.01
C ASN B 255 -19.33 15.61 10.19
N ASN B 256 -18.19 15.05 10.60
CA ASN B 256 -16.95 15.24 9.87
C ASN B 256 -17.04 14.65 8.47
N LYS B 257 -16.36 15.29 7.52
CA LYS B 257 -16.44 14.87 6.13
C LYS B 257 -15.81 13.51 5.91
N TRP B 258 -14.95 13.07 6.83
CA TRP B 258 -14.32 11.75 6.71
C TRP B 258 -15.10 10.65 7.41
N PHE B 259 -15.90 10.99 8.41
CA PHE B 259 -16.62 10.01 9.21
C PHE B 259 -18.09 9.93 8.84
N THR B 260 -18.43 10.08 7.55
CA THR B 260 -19.83 10.02 7.13
C THR B 260 -20.40 8.63 7.38
N ASP B 261 -19.61 7.59 7.13
CA ASP B 261 -20.08 6.22 7.24
C ASP B 261 -19.80 5.58 8.59
N THR B 262 -18.75 5.99 9.28
CA THR B 262 -18.36 5.33 10.53
C THR B 262 -19.37 5.61 11.62
N SER B 263 -19.70 4.58 12.39
CA SER B 263 -20.66 4.69 13.47
C SER B 263 -19.97 5.12 14.75
N ILE B 264 -20.71 5.84 15.59
CA ILE B 264 -20.18 6.36 16.84
C ILE B 264 -20.78 5.56 17.99
N ILE B 265 -19.92 5.04 18.85
CA ILE B 265 -20.32 4.37 20.07
C ILE B 265 -20.15 5.38 21.19
N LEU B 266 -21.26 5.93 21.68
CA LEU B 266 -21.23 6.93 22.73
C LEU B 266 -21.18 6.25 24.09
N PHE B 267 -20.21 6.65 24.90
CA PHE B 267 -19.97 6.07 26.22
C PHE B 267 -20.18 7.17 27.26
N LEU B 268 -21.33 7.15 27.92
CA LEU B 268 -21.63 8.15 28.94
C LEU B 268 -21.10 7.65 30.28
N ASN B 269 -19.92 8.13 30.65
CA ASN B 269 -19.21 7.64 31.82
C ASN B 269 -19.71 8.31 33.09
N LYS B 270 -19.29 7.76 34.22
CA LYS B 270 -19.53 8.32 35.55
C LYS B 270 -21.02 8.54 35.80
N LYS B 271 -21.80 7.47 35.55
CA LYS B 271 -23.23 7.55 35.80
C LYS B 271 -23.56 7.63 37.28
N ASP B 272 -22.73 7.00 38.12
CA ASP B 272 -22.98 7.05 39.56
C ASP B 272 -22.76 8.45 40.12
N LEU B 273 -21.68 9.10 39.70
CA LEU B 273 -21.42 10.44 40.16
C LEU B 273 -22.53 11.36 39.72
N PHE B 274 -22.90 11.28 38.45
CA PHE B 274 -23.98 12.12 37.94
C PHE B 274 -25.28 11.86 38.68
N GLU B 275 -25.57 10.60 38.98
CA GLU B 275 -26.80 10.28 39.70
C GLU B 275 -26.79 10.86 41.10
N GLU B 276 -25.64 10.83 41.77
CA GLU B 276 -25.54 11.41 43.10
C GLU B 276 -25.55 12.94 43.07
N LYS B 277 -25.03 13.56 42.01
CA LYS B 277 -24.91 15.00 41.96
C LYS B 277 -26.14 15.69 41.37
N ILE B 278 -26.97 14.98 40.61
CA ILE B 278 -28.13 15.62 40.00
C ILE B 278 -29.14 16.04 41.06
N LYS B 279 -29.18 15.34 42.19
CA LYS B 279 -30.06 15.72 43.28
C LYS B 279 -29.67 17.07 43.85
N LYS B 280 -28.38 17.31 44.01
CA LYS B 280 -27.92 18.58 44.56
C LYS B 280 -28.07 19.71 43.55
N SER B 281 -27.68 19.49 42.31
CA SER B 281 -27.70 20.51 41.29
C SER B 281 -28.59 20.09 40.14
N PRO B 282 -29.58 20.89 39.77
CA PRO B 282 -30.46 20.53 38.64
C PRO B 282 -29.73 20.60 37.31
N LEU B 283 -30.21 19.81 36.35
CA LEU B 283 -29.60 19.81 35.03
C LEU B 283 -29.84 21.11 34.28
N THR B 284 -30.82 21.90 34.72
CA THR B 284 -31.20 23.10 33.98
C THR B 284 -30.07 24.14 33.94
N ILE B 285 -29.11 24.04 34.86
CA ILE B 285 -28.01 25.00 34.86
C ILE B 285 -27.16 24.83 33.59
N CYS B 286 -27.05 23.61 33.10
CA CYS B 286 -26.31 23.34 31.87
C CYS B 286 -27.20 23.48 30.64
N TYR B 287 -28.34 22.79 30.63
CA TYR B 287 -29.23 22.80 29.48
C TYR B 287 -30.40 23.73 29.75
N PRO B 288 -30.53 24.84 29.04
CA PRO B 288 -31.75 25.66 29.14
C PRO B 288 -32.94 24.93 28.54
N GLU B 289 -34.12 25.35 28.97
CA GLU B 289 -35.40 24.80 28.49
C GLU B 289 -35.50 23.30 28.73
N TYR B 290 -34.97 22.83 29.87
CA TYR B 290 -35.12 21.44 30.27
C TYR B 290 -36.19 21.35 31.35
N ALA B 291 -37.35 20.78 31.00
CA ALA B 291 -38.49 20.71 31.89
C ALA B 291 -38.60 19.37 32.61
N GLY B 292 -37.45 18.75 32.92
CA GLY B 292 -37.47 17.47 33.59
C GLY B 292 -37.65 17.59 35.09
N SER B 293 -37.77 16.42 35.73
CA SER B 293 -37.98 16.34 37.16
C SER B 293 -36.67 16.22 37.94
N ASN B 294 -35.53 16.35 37.27
CA ASN B 294 -34.20 16.23 37.87
C ASN B 294 -33.95 14.85 38.48
N THR B 295 -34.72 13.85 38.09
CA THR B 295 -34.40 12.48 38.44
C THR B 295 -33.27 11.97 37.55
N TYR B 296 -32.60 10.91 38.01
CA TYR B 296 -31.47 10.38 37.25
C TYR B 296 -31.91 9.88 35.88
N GLU B 297 -33.02 9.13 35.82
CA GLU B 297 -33.44 8.53 34.56
C GLU B 297 -33.81 9.60 33.54
N GLU B 298 -34.63 10.57 33.93
CA GLU B 298 -35.08 11.58 32.98
C GLU B 298 -33.93 12.45 32.51
N ALA B 299 -33.07 12.89 33.43
CA ALA B 299 -31.94 13.73 33.04
C ALA B 299 -30.96 12.97 32.15
N ALA B 300 -30.69 11.70 32.48
CA ALA B 300 -29.78 10.91 31.67
C ALA B 300 -30.34 10.68 30.27
N ALA B 301 -31.62 10.38 30.17
CA ALA B 301 -32.24 10.20 28.87
C ALA B 301 -32.22 11.50 28.07
N TYR B 302 -32.45 12.63 28.75
CA TYR B 302 -32.41 13.92 28.06
C TYR B 302 -31.01 14.20 27.53
N ILE B 303 -29.98 13.92 28.32
CA ILE B 303 -28.61 14.15 27.86
C ILE B 303 -28.29 13.23 26.69
N GLN B 304 -28.71 11.97 26.77
CA GLN B 304 -28.48 11.04 25.66
C GLN B 304 -29.14 11.53 24.39
N CYS B 305 -30.39 12.00 24.50
CA CYS B 305 -31.09 12.53 23.33
C CYS B 305 -30.42 13.78 22.79
N GLN B 306 -29.94 14.65 23.69
CA GLN B 306 -29.26 15.86 23.25
C GLN B 306 -27.99 15.54 22.48
N PHE B 307 -27.24 14.54 22.93
CA PHE B 307 -26.04 14.14 22.21
C PHE B 307 -26.39 13.46 20.89
N GLU B 308 -27.41 12.62 20.89
CA GLU B 308 -27.76 11.85 19.71
C GLU B 308 -28.43 12.69 18.64
N ASP B 309 -29.00 13.84 19.00
CA ASP B 309 -29.64 14.72 18.02
C ASP B 309 -28.65 15.57 17.24
N LEU B 310 -27.39 15.63 17.67
CA LEU B 310 -26.38 16.34 16.90
C LEU B 310 -26.05 15.61 15.61
N ASN B 311 -26.48 14.36 15.47
CA ASN B 311 -26.23 13.58 14.25
C ASN B 311 -27.03 14.09 13.08
N LYS B 312 -26.39 14.78 12.16
CA LYS B 312 -27.06 15.32 10.99
C LYS B 312 -27.16 14.30 9.86
N ARG B 313 -26.61 13.11 10.05
CA ARG B 313 -26.67 12.03 9.07
C ARG B 313 -27.18 10.79 9.80
N LYS B 314 -28.51 10.69 9.90
CA LYS B 314 -29.12 9.59 10.64
C LYS B 314 -29.32 8.34 9.79
N ASP B 315 -29.08 8.43 8.47
CA ASP B 315 -29.22 7.27 7.62
C ASP B 315 -27.90 6.56 7.39
N THR B 316 -26.83 7.31 7.12
CA THR B 316 -25.54 6.72 6.82
C THR B 316 -24.90 6.08 8.04
N LYS B 317 -25.05 6.69 9.21
CA LYS B 317 -24.42 6.21 10.44
C LYS B 317 -25.45 6.05 11.55
N GLU B 318 -25.06 5.29 12.56
CA GLU B 318 -25.87 5.08 13.75
C GLU B 318 -25.01 5.36 14.98
N ILE B 319 -25.68 5.79 16.06
CA ILE B 319 -25.01 6.12 17.32
C ILE B 319 -25.50 5.12 18.36
N TYR B 320 -24.58 4.33 18.89
CA TYR B 320 -24.88 3.32 19.90
C TYR B 320 -24.53 3.90 21.26
N THR B 321 -25.54 4.30 22.02
CA THR B 321 -25.31 4.96 23.30
C THR B 321 -25.34 3.95 24.43
N HIS B 322 -24.39 4.05 25.35
CA HIS B 322 -24.32 3.16 26.49
C HIS B 322 -23.84 3.94 27.70
N PHE B 323 -24.52 3.73 28.83
CA PHE B 323 -24.13 4.33 30.10
C PHE B 323 -23.13 3.41 30.76
N THR B 324 -21.90 3.88 30.94
CA THR B 324 -20.81 3.01 31.37
C THR B 324 -21.05 2.47 32.77
N CYS B 325 -21.02 1.14 32.89
CA CYS B 325 -21.11 0.46 34.18
C CYS B 325 -19.69 0.14 34.63
N SER B 326 -19.18 0.95 35.56
CA SER B 326 -17.79 0.80 36.00
C SER B 326 -17.56 -0.55 36.66
N THR B 327 -18.51 -1.01 37.48
CA THR B 327 -18.36 -2.24 38.23
C THR B 327 -18.21 -3.45 37.31
N ASP B 328 -19.24 -3.72 36.50
CA ASP B 328 -19.21 -4.89 35.63
C ASP B 328 -18.33 -4.64 34.41
N THR B 329 -18.06 -5.74 33.70
CA THR B 329 -17.31 -5.69 32.44
C THR B 329 -18.21 -5.55 31.23
N LYS B 330 -19.40 -4.95 31.39
CA LYS B 330 -20.34 -4.85 30.28
C LYS B 330 -19.88 -3.87 29.22
N ASN B 331 -18.86 -3.06 29.49
CA ASN B 331 -18.43 -2.06 28.52
C ASN B 331 -17.85 -2.72 27.28
N VAL B 332 -16.93 -3.66 27.46
CA VAL B 332 -16.33 -4.34 26.32
C VAL B 332 -17.37 -5.18 25.60
N GLN B 333 -18.34 -5.74 26.35
CA GLN B 333 -19.41 -6.49 25.72
C GLN B 333 -20.27 -5.59 24.84
N PHE B 334 -20.58 -4.39 25.31
CA PHE B 334 -21.36 -3.46 24.49
C PHE B 334 -20.57 -3.04 23.26
N VAL B 335 -19.27 -2.79 23.41
CA VAL B 335 -18.45 -2.46 22.25
C VAL B 335 -18.46 -3.60 21.25
N PHE B 336 -18.38 -4.84 21.75
CA PHE B 336 -18.39 -6.00 20.86
C PHE B 336 -19.71 -6.11 20.12
N ASP B 337 -20.83 -5.92 20.82
CA ASP B 337 -22.14 -6.02 20.17
C ASP B 337 -22.32 -4.91 19.14
N ALA B 338 -21.94 -3.69 19.49
CA ALA B 338 -22.05 -2.59 18.55
C ALA B 338 -21.17 -2.81 17.33
N VAL B 339 -19.98 -3.37 17.53
CA VAL B 339 -19.08 -3.62 16.41
C VAL B 339 -19.63 -4.74 15.53
N THR B 340 -20.24 -5.76 16.13
CA THR B 340 -20.86 -6.80 15.31
C THR B 340 -22.00 -6.23 14.48
N ASP B 341 -22.83 -5.35 15.03
CA ASP B 341 -23.88 -4.74 14.23
C ASP B 341 -23.34 -3.81 13.18
N VAL B 342 -22.24 -3.13 13.46
CA VAL B 342 -21.61 -2.31 12.43
C VAL B 342 -21.08 -3.18 11.31
N ILE B 343 -20.47 -4.31 11.65
CA ILE B 343 -19.93 -5.22 10.63
C ILE B 343 -21.05 -5.78 9.78
N ILE B 344 -22.15 -6.19 10.40
CA ILE B 344 -23.28 -6.74 9.65
C ILE B 344 -23.85 -5.70 8.71
N LYS B 345 -24.01 -4.48 9.17
CA LYS B 345 -24.59 -3.47 8.32
C LYS B 345 -23.61 -3.09 7.24
N ASN B 346 -22.32 -3.09 7.52
CA ASN B 346 -21.33 -2.81 6.48
C ASN B 346 -21.36 -3.87 5.39
N ASN B 347 -21.49 -5.14 5.78
CA ASN B 347 -21.62 -6.20 4.79
C ASN B 347 -22.86 -6.00 3.94
N LEU B 348 -23.99 -5.66 4.57
CA LEU B 348 -25.22 -5.48 3.82
C LEU B 348 -25.14 -4.27 2.90
N LYS B 349 -24.45 -3.21 3.32
CA LYS B 349 -24.29 -2.05 2.44
C LYS B 349 -23.36 -2.36 1.28
N ASP B 350 -22.27 -3.09 1.54
CA ASP B 350 -21.34 -3.45 0.47
C ASP B 350 -22.00 -4.36 -0.54
N CYS B 351 -22.83 -5.29 -0.08
CA CYS B 351 -23.57 -6.15 -1.00
C CYS B 351 -24.60 -5.38 -1.80
N GLY B 352 -24.89 -4.13 -1.43
CA GLY B 352 -25.86 -3.33 -2.12
C GLY B 352 -27.29 -3.59 -1.73
N LEU B 353 -27.53 -4.44 -0.73
CA LEU B 353 -28.89 -4.74 -0.31
C LEU B 353 -29.60 -3.49 0.20
N PHE B 354 -28.95 -2.79 1.10
CA PHE B 354 -29.54 -1.60 1.66
C PHE B 354 -28.51 -0.49 1.73
N GLU C 17 4.76 48.51 28.37
CA GLU C 17 3.93 47.37 28.73
C GLU C 17 3.57 46.54 27.51
N LEU C 18 2.51 45.75 27.63
CA LEU C 18 2.07 44.92 26.52
C LEU C 18 1.65 45.77 25.32
N ASP C 19 0.93 46.87 25.56
CA ASP C 19 0.47 47.71 24.47
C ASP C 19 1.64 48.32 23.71
N GLN C 20 2.66 48.80 24.43
CA GLN C 20 3.81 49.40 23.77
C GLN C 20 4.53 48.39 22.89
N LEU C 21 4.74 47.17 23.39
CA LEU C 21 5.40 46.14 22.60
C LEU C 21 4.55 45.73 21.40
N ARG C 22 3.23 45.68 21.58
CA ARG C 22 2.34 45.34 20.47
C ARG C 22 2.42 46.40 19.37
N GLN C 23 2.41 47.67 19.76
CA GLN C 23 2.52 48.74 18.76
C GLN C 23 3.89 48.73 18.09
N GLU C 24 4.94 48.43 18.86
CA GLU C 24 6.27 48.33 18.27
C GLU C 24 6.35 47.20 17.25
N ALA C 25 5.76 46.05 17.58
CA ALA C 25 5.73 44.94 16.63
C ALA C 25 4.93 45.30 15.39
N GLU C 26 3.80 45.99 15.56
CA GLU C 26 2.99 46.38 14.41
C GLU C 26 3.74 47.36 13.51
N GLN C 27 4.44 48.32 14.10
CA GLN C 27 5.18 49.28 13.28
C GLN C 27 6.38 48.62 12.60
N LEU C 28 7.00 47.63 13.27
CA LEU C 28 8.05 46.87 12.60
C LEU C 28 7.49 46.09 11.42
N LYS C 29 6.32 45.49 11.58
CA LYS C 29 5.69 44.77 10.47
C LYS C 29 5.38 45.73 9.32
N ASN C 30 4.88 46.92 9.64
CA ASN C 30 4.61 47.91 8.60
C ASN C 30 5.89 48.34 7.89
N GLN C 31 6.98 48.49 8.66
CA GLN C 31 8.27 48.83 8.06
C GLN C 31 8.72 47.77 7.09
N ILE C 32 8.60 46.49 7.49
CA ILE C 32 8.99 45.39 6.61
C ILE C 32 8.11 45.39 5.36
N ARG C 33 6.81 45.63 5.54
CA ARG C 33 5.89 45.64 4.41
C ARG C 33 6.25 46.73 3.41
N ASP C 34 6.54 47.94 3.89
CA ASP C 34 6.85 49.02 2.97
C ASP C 34 8.22 48.82 2.33
N ALA C 35 9.16 48.18 3.05
CA ALA C 35 10.43 47.83 2.42
C ALA C 35 10.22 46.84 1.28
N ARG C 36 9.37 45.83 1.49
CA ARG C 36 9.06 44.90 0.43
C ARG C 36 8.40 45.60 -0.75
N LYS C 37 7.47 46.51 -0.46
CA LYS C 37 6.79 47.24 -1.54
C LYS C 37 7.77 48.09 -2.33
N ALA C 38 8.71 48.72 -1.64
CA ALA C 38 9.73 49.51 -2.33
C ALA C 38 10.61 48.62 -3.20
N CYS C 39 10.97 47.45 -2.70
CA CYS C 39 11.82 46.54 -3.47
C CYS C 39 11.08 45.86 -4.62
N ALA C 40 9.75 45.94 -4.66
CA ALA C 40 8.96 45.26 -5.70
C ALA C 40 8.75 46.21 -6.87
N ASP C 41 9.85 46.51 -7.57
CA ASP C 41 9.77 47.41 -8.71
C ASP C 41 9.08 46.76 -9.91
N ALA C 42 9.18 45.44 -10.03
CA ALA C 42 8.60 44.72 -11.15
C ALA C 42 8.10 43.37 -10.67
N THR C 43 7.18 42.79 -11.43
CA THR C 43 6.63 41.47 -11.14
C THR C 43 7.26 40.44 -12.06
N LEU C 44 7.21 39.18 -11.61
CA LEU C 44 7.78 38.09 -12.40
C LEU C 44 7.04 37.93 -13.74
N SER C 45 5.73 38.19 -13.73
CA SER C 45 4.95 38.03 -14.96
C SER C 45 5.43 38.98 -16.05
N GLN C 46 5.65 40.25 -15.71
CA GLN C 46 6.10 41.21 -16.72
C GLN C 46 7.57 41.04 -17.07
N ILE C 47 8.35 40.41 -16.19
CA ILE C 47 9.71 40.05 -16.57
C ILE C 47 9.70 38.91 -17.57
N THR C 48 8.83 37.91 -17.39
CA THR C 48 8.76 36.76 -18.27
C THR C 48 7.58 36.81 -19.23
N ASN C 49 7.07 38.02 -19.53
CA ASN C 49 5.94 38.13 -20.45
C ASN C 49 6.32 37.78 -21.88
N ASN C 50 7.61 37.87 -22.23
CA ASN C 50 8.05 37.62 -23.60
C ASN C 50 8.76 36.28 -23.78
N ILE C 51 8.98 35.53 -22.71
CA ILE C 51 9.66 34.24 -22.85
C ILE C 51 8.71 33.23 -23.48
N ASP C 52 9.29 32.32 -24.27
CA ASP C 52 8.49 31.30 -24.92
C ASP C 52 7.88 30.35 -23.90
N PRO C 53 6.57 30.13 -23.94
CA PRO C 53 5.94 29.24 -22.96
C PRO C 53 6.39 27.80 -23.15
N VAL C 54 6.44 27.07 -22.04
CA VAL C 54 6.74 25.64 -22.11
C VAL C 54 5.65 24.93 -22.89
N GLY C 55 6.06 24.04 -23.78
CA GLY C 55 5.08 23.28 -24.54
C GLY C 55 4.23 22.40 -23.66
N ARG C 56 3.12 21.94 -24.23
CA ARG C 56 2.19 21.08 -23.50
C ARG C 56 2.92 19.85 -22.99
N ILE C 57 3.00 19.73 -21.66
CA ILE C 57 3.75 18.65 -21.02
C ILE C 57 2.84 17.43 -21.00
N GLN C 58 3.13 16.47 -21.87
CA GLN C 58 2.40 15.21 -21.94
C GLN C 58 3.22 14.14 -21.25
N MET C 59 2.92 13.90 -19.97
CA MET C 59 3.59 12.88 -19.18
C MET C 59 2.70 11.65 -19.08
N ARG C 60 3.28 10.48 -19.31
CA ARG C 60 2.58 9.22 -19.24
C ARG C 60 3.10 8.40 -18.07
N THR C 61 2.22 7.57 -17.51
CA THR C 61 2.57 6.72 -16.38
C THR C 61 3.53 5.64 -16.89
N ARG C 62 4.83 5.85 -16.68
CA ARG C 62 5.80 4.86 -17.12
C ARG C 62 5.81 3.65 -16.20
N ARG C 63 5.70 3.86 -14.90
CA ARG C 63 5.69 2.74 -13.95
C ARG C 63 4.53 2.90 -12.98
N THR C 64 4.09 1.76 -12.44
CA THR C 64 3.08 1.74 -11.40
C THR C 64 3.52 0.76 -10.33
N LEU C 65 3.56 1.21 -9.08
CA LEU C 65 3.99 0.43 -7.95
C LEU C 65 2.78 0.18 -7.05
N ARG C 66 2.49 -1.10 -6.81
CA ARG C 66 1.21 -1.52 -6.27
C ARG C 66 1.32 -2.26 -4.94
N GLY C 67 2.46 -2.19 -4.27
CA GLY C 67 2.63 -2.96 -3.05
C GLY C 67 1.76 -2.51 -1.89
N HIS C 68 1.58 -1.20 -1.74
CA HIS C 68 0.91 -0.68 -0.55
C HIS C 68 -0.57 -1.05 -0.54
N LEU C 69 -1.08 -1.34 0.66
CA LEU C 69 -2.47 -1.71 0.86
C LEU C 69 -3.24 -0.66 1.66
N ALA C 70 -2.76 0.57 1.67
CA ALA C 70 -3.45 1.65 2.37
C ALA C 70 -3.01 2.96 1.75
N LYS C 71 -3.47 4.06 2.33
CA LYS C 71 -3.15 5.38 1.80
C LYS C 71 -1.66 5.67 1.96
N ILE C 72 -1.04 6.18 0.91
CA ILE C 72 0.38 6.50 0.93
C ILE C 72 0.47 7.92 1.33
N TYR C 73 1.30 8.22 2.31
CA TYR C 73 1.36 9.56 2.85
C TYR C 73 2.61 10.34 2.47
N ALA C 74 3.72 9.65 2.19
CA ALA C 74 4.93 10.34 1.75
C ALA C 74 5.79 9.39 0.95
N MET C 75 6.54 9.97 0.01
CA MET C 75 7.56 9.24 -0.74
C MET C 75 8.78 10.13 -0.89
N HIS C 76 9.95 9.50 -1.04
CA HIS C 76 11.18 10.25 -1.22
C HIS C 76 12.12 9.46 -2.13
N TRP C 77 12.71 10.13 -3.10
CA TRP C 77 13.66 9.50 -4.00
C TRP C 77 15.03 9.38 -3.35
N GLY C 78 15.74 8.32 -3.70
CA GLY C 78 17.15 8.26 -3.39
C GLY C 78 17.97 9.18 -4.28
N THR C 79 19.16 9.53 -3.81
CA THR C 79 19.98 10.47 -4.57
C THR C 79 20.46 9.86 -5.89
N ASP C 80 20.46 8.54 -6.01
CA ASP C 80 20.80 7.92 -7.28
C ASP C 80 19.68 8.05 -8.29
N SER C 81 18.52 8.55 -7.86
CA SER C 81 17.33 8.74 -8.68
C SER C 81 16.78 7.43 -9.23
N ARG C 82 17.11 6.31 -8.61
CA ARG C 82 16.55 5.02 -8.98
C ARG C 82 15.79 4.34 -7.85
N LEU C 83 16.30 4.38 -6.64
CA LEU C 83 15.62 3.84 -5.48
C LEU C 83 14.64 4.85 -4.93
N LEU C 84 13.53 4.36 -4.40
CA LEU C 84 12.47 5.19 -3.88
C LEU C 84 12.03 4.62 -2.54
N VAL C 85 11.60 5.48 -1.63
CA VAL C 85 11.03 5.05 -0.36
C VAL C 85 9.65 5.66 -0.23
N SER C 86 8.67 4.84 0.13
CA SER C 86 7.30 5.30 0.29
C SER C 86 6.72 4.74 1.58
N ALA C 87 5.97 5.57 2.30
CA ALA C 87 5.38 5.21 3.58
C ALA C 87 3.87 5.20 3.45
N SER C 88 3.24 4.14 3.95
CA SER C 88 1.79 4.05 3.94
C SER C 88 1.31 3.71 5.35
N GLN C 89 0.07 4.07 5.64
CA GLN C 89 -0.49 3.84 6.96
C GLN C 89 -1.00 2.41 7.13
N ASP C 90 -0.68 1.51 6.21
CA ASP C 90 -0.84 0.09 6.50
C ASP C 90 0.21 -0.38 7.49
N GLY C 91 1.24 0.44 7.70
CA GLY C 91 2.31 0.09 8.62
C GLY C 91 3.54 -0.34 7.87
N LYS C 92 3.69 0.14 6.63
CA LYS C 92 4.75 -0.33 5.74
C LYS C 92 5.55 0.85 5.20
N LEU C 93 6.86 0.66 5.16
CA LEU C 93 7.80 1.56 4.52
C LEU C 93 8.53 0.76 3.46
N ILE C 94 8.21 0.99 2.20
CA ILE C 94 8.71 0.15 1.10
C ILE C 94 9.76 0.92 0.33
N ILE C 95 10.92 0.29 0.12
CA ILE C 95 11.95 0.80 -0.77
C ILE C 95 11.82 0.04 -2.09
N TRP C 96 11.51 0.77 -3.14
CA TRP C 96 11.30 0.26 -4.49
C TRP C 96 12.52 0.54 -5.37
N ASP C 97 12.75 -0.36 -6.32
CA ASP C 97 13.60 -0.09 -7.47
C ASP C 97 12.70 0.43 -8.57
N SER C 98 12.75 1.73 -8.83
CA SER C 98 11.78 2.35 -9.71
C SER C 98 11.91 1.88 -11.15
N TYR C 99 13.10 1.42 -11.55
CA TYR C 99 13.28 0.97 -12.92
C TYR C 99 12.55 -0.35 -13.17
N THR C 100 12.71 -1.31 -12.27
CA THR C 100 12.12 -2.63 -12.42
C THR C 100 10.86 -2.83 -11.60
N THR C 101 10.42 -1.81 -10.85
CA THR C 101 9.25 -1.88 -9.97
C THR C 101 9.39 -2.99 -8.92
N ASN C 102 10.62 -3.43 -8.67
CA ASN C 102 10.88 -4.42 -7.64
C ASN C 102 10.93 -3.75 -6.28
N LYS C 103 10.48 -4.49 -5.26
CA LYS C 103 10.49 -4.01 -3.89
C LYS C 103 11.81 -4.42 -3.26
N VAL C 104 12.73 -3.47 -3.13
CA VAL C 104 14.03 -3.77 -2.52
C VAL C 104 13.86 -4.10 -1.05
N HIS C 105 13.05 -3.33 -0.33
CA HIS C 105 12.86 -3.55 1.09
C HIS C 105 11.41 -3.28 1.47
N ALA C 106 10.95 -3.95 2.53
CA ALA C 106 9.65 -3.66 3.14
C ALA C 106 9.86 -3.66 4.65
N ILE C 107 9.70 -2.50 5.27
CA ILE C 107 10.01 -2.28 6.68
C ILE C 107 8.70 -2.18 7.45
N PRO C 108 8.45 -3.04 8.43
CA PRO C 108 7.26 -2.91 9.28
C PRO C 108 7.50 -1.88 10.38
N LEU C 109 6.75 -0.78 10.31
CA LEU C 109 6.92 0.29 11.27
C LEU C 109 6.33 -0.08 12.63
N ARG C 110 6.96 0.42 13.69
CA ARG C 110 6.41 0.22 15.03
C ARG C 110 5.05 0.90 15.17
N SER C 111 4.93 2.11 14.64
CA SER C 111 3.68 2.86 14.65
C SER C 111 3.14 2.93 13.23
N SER C 112 1.93 2.41 13.02
CA SER C 112 1.31 2.43 11.70
C SER C 112 0.98 3.82 11.22
N TRP C 113 0.92 4.80 12.11
CA TRP C 113 0.48 6.15 11.76
C TRP C 113 1.71 6.98 11.42
N VAL C 114 2.05 6.99 10.13
CA VAL C 114 3.20 7.74 9.63
C VAL C 114 2.74 8.67 8.52
N MET C 115 3.24 9.89 8.54
CA MET C 115 2.88 10.87 7.53
C MET C 115 4.10 11.48 6.85
N THR C 116 5.28 10.93 7.07
CA THR C 116 6.47 11.40 6.39
C THR C 116 7.50 10.29 6.32
N CYS C 117 8.39 10.40 5.35
CA CYS C 117 9.52 9.50 5.21
C CYS C 117 10.62 10.23 4.44
N ALA C 118 11.86 9.85 4.70
CA ALA C 118 13.00 10.47 4.05
C ALA C 118 14.02 9.40 3.69
N TYR C 119 14.76 9.65 2.62
CA TYR C 119 15.82 8.75 2.21
C TYR C 119 17.10 9.54 2.39
N ALA C 120 18.09 8.95 3.04
CA ALA C 120 19.34 9.64 3.30
C ALA C 120 20.10 9.87 2.00
N PRO C 121 20.76 11.01 1.84
CA PRO C 121 21.56 11.22 0.62
C PRO C 121 22.63 10.16 0.43
N SER C 122 23.19 9.65 1.53
CA SER C 122 24.11 8.53 1.44
C SER C 122 23.40 7.27 0.95
N GLY C 123 22.12 7.12 1.30
CA GLY C 123 21.36 5.95 0.95
C GLY C 123 21.38 4.84 1.98
N ASN C 124 22.20 4.97 3.02
CA ASN C 124 22.29 3.92 4.03
C ASN C 124 21.09 3.91 4.96
N TYR C 125 20.43 5.05 5.15
CA TYR C 125 19.39 5.19 6.15
C TYR C 125 18.11 5.71 5.52
N VAL C 126 16.99 5.40 6.16
CA VAL C 126 15.72 6.06 5.88
C VAL C 126 15.15 6.55 7.20
N ALA C 127 14.17 7.45 7.11
CA ALA C 127 13.52 7.97 8.29
C ALA C 127 12.01 7.85 8.13
N CYS C 128 11.31 7.77 9.24
CA CYS C 128 9.86 7.65 9.22
C CYS C 128 9.29 8.30 10.48
N GLY C 129 8.33 9.20 10.29
CA GLY C 129 7.70 9.85 11.42
C GLY C 129 6.21 9.99 11.21
N GLY C 130 5.50 10.14 12.31
CA GLY C 130 4.06 10.28 12.22
C GLY C 130 3.38 10.72 13.50
N LEU C 131 2.20 10.17 13.76
CA LEU C 131 1.40 10.56 14.91
C LEU C 131 1.96 10.08 16.22
N ASP C 132 3.03 9.28 16.20
CA ASP C 132 3.66 8.82 17.43
C ASP C 132 4.69 9.79 17.98
N ASN C 133 4.89 10.94 17.32
CA ASN C 133 5.80 11.99 17.76
C ASN C 133 7.26 11.55 17.77
N ILE C 134 7.60 10.48 17.05
CA ILE C 134 8.92 9.90 17.07
C ILE C 134 9.41 9.75 15.64
N CYS C 135 10.66 10.14 15.39
CA CYS C 135 11.30 9.93 14.10
C CYS C 135 12.19 8.71 14.19
N SER C 136 11.78 7.61 13.55
CA SER C 136 12.56 6.39 13.56
C SER C 136 13.51 6.39 12.38
N ILE C 137 14.80 6.24 12.65
CA ILE C 137 15.83 6.13 11.63
C ILE C 137 16.16 4.65 11.48
N TYR C 138 15.96 4.12 10.28
CA TYR C 138 16.17 2.73 9.94
C TYR C 138 17.46 2.60 9.14
N ASN C 139 18.31 1.66 9.55
CA ASN C 139 19.58 1.41 8.90
C ASN C 139 19.39 0.33 7.84
N LEU C 140 19.49 0.70 6.57
CA LEU C 140 19.21 -0.23 5.49
C LEU C 140 20.35 -1.23 5.30
N LYS C 141 21.59 -0.78 5.38
CA LYS C 141 22.75 -1.61 5.07
C LYS C 141 23.32 -2.18 6.36
N THR C 142 22.91 -3.39 6.69
CA THR C 142 23.33 -4.08 7.90
C THR C 142 23.92 -5.43 7.54
N ARG C 143 24.82 -5.92 8.38
CA ARG C 143 25.42 -7.23 8.14
C ARG C 143 24.40 -8.35 8.38
N GLU C 144 23.44 -8.11 9.25
CA GLU C 144 22.41 -9.10 9.52
C GLU C 144 21.46 -9.31 8.35
N GLY C 145 21.50 -8.44 7.35
CA GLY C 145 20.72 -8.60 6.15
C GLY C 145 19.29 -8.10 6.22
N ASN C 146 18.87 -7.54 7.35
CA ASN C 146 17.52 -7.02 7.50
C ASN C 146 17.59 -5.58 7.99
N VAL C 147 16.59 -4.79 7.63
CA VAL C 147 16.54 -3.40 8.09
C VAL C 147 16.13 -3.36 9.56
N ARG C 148 16.90 -2.65 10.36
CA ARG C 148 16.65 -2.51 11.79
C ARG C 148 16.57 -1.04 12.14
N VAL C 149 15.86 -0.75 13.24
CA VAL C 149 15.68 0.62 13.69
C VAL C 149 16.97 1.11 14.31
N SER C 150 17.73 1.89 13.54
CA SER C 150 18.99 2.43 14.05
C SER C 150 18.76 3.36 15.23
N ARG C 151 17.74 4.20 15.16
CA ARG C 151 17.50 5.17 16.22
C ARG C 151 16.03 5.52 16.29
N GLU C 152 15.61 6.03 17.44
CA GLU C 152 14.24 6.53 17.63
C GLU C 152 14.35 7.90 18.29
N LEU C 153 14.38 8.95 17.49
CA LEU C 153 14.51 10.31 17.97
C LEU C 153 13.16 10.76 18.54
N ALA C 154 13.13 11.01 19.84
CA ALA C 154 11.94 11.44 20.54
C ALA C 154 12.19 12.77 21.22
N GLY C 155 11.12 13.51 21.47
CA GLY C 155 11.24 14.83 22.06
C GLY C 155 10.24 15.82 21.51
N HIS C 156 9.76 15.59 20.30
CA HIS C 156 8.65 16.38 19.79
C HIS C 156 7.38 16.05 20.56
N THR C 157 6.60 17.09 20.87
CA THR C 157 5.34 16.90 21.57
C THR C 157 4.15 16.81 20.63
N GLY C 158 4.38 16.87 19.32
CA GLY C 158 3.32 16.72 18.35
C GLY C 158 3.73 15.75 17.25
N TYR C 159 2.86 15.51 16.30
CA TYR C 159 3.15 14.59 15.21
C TYR C 159 4.26 15.08 14.37
N LEU C 160 5.01 14.19 13.74
CA LEU C 160 6.04 14.62 12.82
C LEU C 160 5.41 14.73 11.47
N SER C 161 5.57 15.86 10.82
CA SER C 161 4.94 16.09 9.55
C SER C 161 5.89 15.98 8.41
N CYS C 162 7.18 16.20 8.65
CA CYS C 162 8.21 16.06 7.65
C CYS C 162 9.56 15.90 8.32
N CYS C 163 10.41 15.06 7.72
CA CYS C 163 11.77 14.86 8.19
C CYS C 163 12.70 14.82 6.99
N ARG C 164 13.89 15.39 7.14
CA ARG C 164 14.86 15.45 6.06
C ARG C 164 16.26 15.24 6.62
N PHE C 165 17.05 14.44 5.91
CA PHE C 165 18.44 14.20 6.30
C PHE C 165 19.32 15.33 5.78
N LEU C 166 20.01 16.02 6.68
CA LEU C 166 21.11 16.87 6.27
C LEU C 166 22.29 16.02 5.79
N ASP C 167 22.61 14.97 6.55
CA ASP C 167 23.60 13.99 6.17
C ASP C 167 23.30 12.72 6.95
N ASP C 168 24.26 11.79 6.95
CA ASP C 168 24.02 10.51 7.61
C ASP C 168 23.85 10.64 9.11
N ASN C 169 24.34 11.73 9.70
CA ASN C 169 24.30 11.88 11.15
C ASN C 169 23.34 12.95 11.64
N GLN C 170 23.03 13.95 10.82
CA GLN C 170 22.13 15.03 11.21
C GLN C 170 20.82 14.92 10.46
N ILE C 171 19.71 15.13 11.17
CA ILE C 171 18.39 15.09 10.56
C ILE C 171 17.63 16.33 10.98
N VAL C 172 16.67 16.76 10.15
CA VAL C 172 15.82 17.90 10.45
C VAL C 172 14.38 17.44 10.39
N THR C 173 13.63 17.69 11.46
CA THR C 173 12.24 17.27 11.55
C THR C 173 11.36 18.47 11.82
N SER C 174 10.14 18.41 11.31
CA SER C 174 9.11 19.41 11.57
C SER C 174 7.90 18.72 12.18
N SER C 175 7.31 19.34 13.18
CA SER C 175 6.25 18.70 13.94
C SER C 175 5.04 19.61 14.05
N GLY C 176 3.97 19.05 14.62
CA GLY C 176 2.81 19.81 15.01
C GLY C 176 2.98 20.52 16.32
N ASP C 177 4.16 20.42 16.94
CA ASP C 177 4.52 21.17 18.13
C ASP C 177 4.79 22.63 17.84
N THR C 178 4.47 23.09 16.63
CA THR C 178 4.78 24.44 16.16
C THR C 178 6.27 24.75 16.18
N THR C 179 7.10 23.72 16.04
CA THR C 179 8.54 23.89 16.09
C THR C 179 9.21 22.86 15.18
N CYS C 180 10.42 23.20 14.74
CA CYS C 180 11.28 22.27 14.03
C CYS C 180 12.47 21.92 14.91
N ALA C 181 13.15 20.85 14.54
CA ALA C 181 14.28 20.38 15.34
C ALA C 181 15.38 19.87 14.43
N LEU C 182 16.62 20.09 14.85
CA LEU C 182 17.80 19.52 14.21
C LEU C 182 18.44 18.56 15.19
N TRP C 183 18.48 17.28 14.81
CA TRP C 183 18.91 16.19 15.66
C TRP C 183 20.25 15.65 15.21
N ASP C 184 21.10 15.32 16.18
CA ASP C 184 22.28 14.50 15.96
C ASP C 184 21.87 13.06 16.20
N ILE C 185 21.86 12.25 15.13
CA ILE C 185 21.29 10.92 15.21
C ILE C 185 22.12 10.02 16.13
N GLU C 186 23.44 10.21 16.14
CA GLU C 186 24.30 9.36 16.95
C GLU C 186 23.97 9.50 18.43
N THR C 187 23.84 10.73 18.93
CA THR C 187 23.53 10.93 20.33
C THR C 187 22.04 10.80 20.61
N GLY C 188 21.20 11.03 19.60
CA GLY C 188 19.77 10.96 19.80
C GLY C 188 19.16 12.20 20.44
N GLN C 189 19.88 13.30 20.48
CA GLN C 189 19.43 14.52 21.12
C GLN C 189 19.20 15.60 20.09
N GLN C 190 18.31 16.54 20.41
CA GLN C 190 18.05 17.68 19.54
C GLN C 190 19.23 18.64 19.62
N THR C 191 20.02 18.72 18.55
CA THR C 191 21.11 19.68 18.52
C THR C 191 20.59 21.10 18.61
N THR C 192 19.57 21.43 17.82
CA THR C 192 18.94 22.75 17.89
C THR C 192 17.44 22.62 17.77
N THR C 193 16.73 23.66 18.21
CA THR C 193 15.28 23.73 18.12
C THR C 193 14.88 25.08 17.57
N PHE C 194 13.98 25.08 16.60
CA PHE C 194 13.50 26.29 15.93
C PHE C 194 12.05 26.50 16.33
N THR C 195 11.80 27.60 17.06
CA THR C 195 10.50 27.80 17.71
C THR C 195 9.78 29.06 17.26
N GLY C 196 10.01 29.52 16.03
CA GLY C 196 9.38 30.76 15.58
C GLY C 196 7.94 30.62 15.16
N HIS C 197 7.51 29.42 14.79
CA HIS C 197 6.17 29.25 14.25
C HIS C 197 5.11 29.33 15.35
N THR C 198 3.92 29.79 14.97
CA THR C 198 2.77 29.84 15.85
C THR C 198 1.71 28.81 15.49
N GLY C 199 1.99 27.92 14.53
CA GLY C 199 1.07 26.88 14.15
C GLY C 199 1.80 25.61 13.78
N ASP C 200 1.04 24.55 13.56
CA ASP C 200 1.62 23.26 13.25
C ASP C 200 2.45 23.35 11.97
N VAL C 201 3.73 23.03 12.08
CA VAL C 201 4.62 23.01 10.93
C VAL C 201 4.32 21.75 10.13
N MET C 202 3.85 21.93 8.89
CA MET C 202 3.35 20.82 8.09
C MET C 202 4.30 20.38 7.00
N SER C 203 5.42 21.08 6.80
CA SER C 203 6.29 20.75 5.68
C SER C 203 7.71 21.18 6.02
N LEU C 204 8.63 20.87 5.10
CA LEU C 204 10.04 21.12 5.30
C LEU C 204 10.73 21.01 3.95
N SER C 205 11.80 21.78 3.76
CA SER C 205 12.56 21.71 2.52
C SER C 205 13.98 22.18 2.78
N LEU C 206 14.92 21.26 2.79
CA LEU C 206 16.32 21.61 2.94
C LEU C 206 16.83 22.29 1.68
N ALA C 207 17.66 23.31 1.86
CA ALA C 207 18.25 23.99 0.72
C ALA C 207 19.29 23.08 0.06
N PRO C 208 19.58 23.31 -1.23
CA PRO C 208 20.61 22.48 -1.88
C PRO C 208 21.97 22.55 -1.21
N ASP C 209 22.35 23.70 -0.65
CA ASP C 209 23.60 23.79 0.09
C ASP C 209 23.50 23.22 1.50
N THR C 210 22.31 22.84 1.94
CA THR C 210 22.08 22.21 3.24
C THR C 210 22.54 23.08 4.41
N ARG C 211 22.48 24.40 4.22
CA ARG C 211 22.72 25.33 5.31
C ARG C 211 21.48 26.09 5.74
N LEU C 212 20.44 26.10 4.93
CA LEU C 212 19.17 26.74 5.25
C LEU C 212 18.05 25.77 4.95
N PHE C 213 16.90 25.99 5.58
CA PHE C 213 15.71 25.23 5.23
C PHE C 213 14.47 26.05 5.53
N VAL C 214 13.46 25.90 4.67
CA VAL C 214 12.20 26.61 4.81
C VAL C 214 11.17 25.66 5.40
N SER C 215 10.40 26.16 6.36
CA SER C 215 9.35 25.40 7.01
C SER C 215 8.05 26.17 6.91
N GLY C 216 7.02 25.53 6.36
CA GLY C 216 5.69 26.12 6.25
C GLY C 216 4.79 25.55 7.34
N ALA C 217 3.97 26.41 7.93
CA ALA C 217 3.14 25.99 9.04
C ALA C 217 1.68 26.29 8.76
N CYS C 218 0.81 25.80 9.66
CA CYS C 218 -0.62 26.02 9.55
C CYS C 218 -1.02 27.47 9.78
N ASP C 219 -0.12 28.30 10.27
CA ASP C 219 -0.41 29.72 10.44
C ASP C 219 -0.26 30.51 9.16
N ALA C 220 -0.26 29.85 8.00
CA ALA C 220 -0.09 30.47 6.69
C ALA C 220 1.24 31.19 6.57
N SER C 221 2.26 30.74 7.29
CA SER C 221 3.56 31.39 7.30
C SER C 221 4.64 30.37 6.99
N ALA C 222 5.61 30.80 6.16
CA ALA C 222 6.78 30.00 5.85
C ALA C 222 8.01 30.75 6.36
N LYS C 223 8.84 30.08 7.14
CA LYS C 223 9.99 30.70 7.76
C LYS C 223 11.27 30.05 7.24
N LEU C 224 12.27 30.88 6.95
CA LEU C 224 13.58 30.40 6.55
C LEU C 224 14.49 30.31 7.76
N TRP C 225 15.09 29.15 7.97
CA TRP C 225 15.91 28.87 9.14
C TRP C 225 17.33 28.54 8.73
N ASP C 226 18.26 28.93 9.59
CA ASP C 226 19.66 28.57 9.47
C ASP C 226 19.93 27.43 10.44
N VAL C 227 20.37 26.29 9.92
CA VAL C 227 20.58 25.11 10.76
C VAL C 227 21.71 25.35 11.75
N ARG C 228 22.74 26.09 11.33
CA ARG C 228 23.91 26.27 12.19
C ARG C 228 23.60 27.21 13.35
N GLU C 229 22.91 28.31 13.08
CA GLU C 229 22.63 29.29 14.14
C GLU C 229 21.42 28.88 14.97
N GLY C 230 20.33 28.49 14.30
CA GLY C 230 19.09 28.17 14.99
C GLY C 230 18.09 29.31 15.03
N MET C 231 18.31 30.38 14.29
CA MET C 231 17.46 31.56 14.30
C MET C 231 16.78 31.71 12.95
N CYS C 232 15.50 32.09 12.98
CA CYS C 232 14.81 32.40 11.75
C CYS C 232 15.39 33.65 11.11
N ARG C 233 15.57 33.62 9.79
CA ARG C 233 16.12 34.76 9.07
C ARG C 233 15.03 35.58 8.39
N GLN C 234 14.09 34.93 7.72
CA GLN C 234 13.02 35.61 7.03
C GLN C 234 11.71 34.88 7.27
N THR C 235 10.60 35.62 7.17
CA THR C 235 9.28 35.03 7.25
C THR C 235 8.45 35.52 6.08
N PHE C 236 7.53 34.68 5.62
CA PHE C 236 6.70 34.96 4.46
C PHE C 236 5.26 34.62 4.81
N THR C 237 4.35 35.55 4.56
CA THR C 237 2.95 35.43 4.95
C THR C 237 2.02 35.78 3.80
N GLY C 238 2.29 35.23 2.61
CA GLY C 238 1.46 35.52 1.46
C GLY C 238 0.22 34.65 1.33
N HIS C 239 0.12 33.58 2.12
CA HIS C 239 -0.95 32.62 1.94
C HIS C 239 -2.17 32.99 2.77
N GLU C 240 -3.27 32.28 2.51
CA GLU C 240 -4.53 32.49 3.20
C GLU C 240 -4.89 31.37 4.17
N SER C 241 -4.25 30.22 4.08
CA SER C 241 -4.59 29.09 4.92
C SER C 241 -3.33 28.27 5.17
N ASP C 242 -3.52 27.06 5.68
CA ASP C 242 -2.41 26.20 6.03
C ASP C 242 -1.48 25.94 4.91
N ILE C 243 -0.18 25.98 5.16
CA ILE C 243 0.81 25.63 4.13
C ILE C 243 1.09 24.14 4.28
N ASN C 244 0.51 23.33 3.39
CA ASN C 244 0.68 21.89 3.49
C ASN C 244 2.03 21.44 2.96
N ALA C 245 2.54 22.11 1.94
CA ALA C 245 3.76 21.66 1.26
C ALA C 245 4.68 22.84 1.00
N ILE C 246 5.98 22.53 0.91
CA ILE C 246 6.99 23.52 0.59
C ILE C 246 8.15 22.81 -0.10
N CYS C 247 8.80 23.50 -1.02
CA CYS C 247 9.94 22.95 -1.77
C CYS C 247 10.85 24.04 -2.26
N PHE C 248 12.15 23.90 -2.09
CA PHE C 248 13.12 24.88 -2.56
C PHE C 248 13.38 24.87 -4.05
N PHE C 249 13.64 26.03 -4.62
CA PHE C 249 13.94 26.13 -6.02
C PHE C 249 15.34 25.55 -6.19
N PRO C 250 15.69 24.96 -7.35
CA PRO C 250 16.98 24.28 -7.49
C PRO C 250 18.20 25.14 -7.19
N ASN C 251 18.17 26.42 -7.56
CA ASN C 251 19.33 27.28 -7.30
C ASN C 251 19.46 27.64 -5.83
N GLY C 252 18.41 27.41 -5.04
CA GLY C 252 18.47 27.68 -3.61
C GLY C 252 18.09 29.09 -3.21
N ASN C 253 17.80 29.97 -4.15
CA ASN C 253 17.45 31.35 -3.86
C ASN C 253 15.95 31.61 -3.96
N ALA C 254 15.14 30.57 -4.02
CA ALA C 254 13.69 30.73 -4.04
C ALA C 254 13.06 29.43 -3.54
N PHE C 255 11.76 29.50 -3.25
CA PHE C 255 11.03 28.32 -2.85
C PHE C 255 9.57 28.50 -3.18
N ALA C 256 8.82 27.40 -3.14
CA ALA C 256 7.41 27.41 -3.48
C ALA C 256 6.61 26.70 -2.40
N THR C 257 5.43 27.24 -2.11
CA THR C 257 4.56 26.73 -1.08
C THR C 257 3.20 26.37 -1.67
N GLY C 258 2.63 25.26 -1.22
CA GLY C 258 1.27 24.88 -1.55
C GLY C 258 0.42 24.90 -0.30
N SER C 259 -0.80 25.39 -0.43
CA SER C 259 -1.65 25.61 0.73
C SER C 259 -3.06 25.16 0.44
N ASP C 260 -3.87 25.08 1.50
CA ASP C 260 -5.30 24.83 1.35
C ASP C 260 -6.02 26.01 0.69
N ASP C 261 -5.35 27.15 0.56
CA ASP C 261 -5.87 28.27 -0.22
C ASP C 261 -6.08 27.93 -1.69
N ALA C 262 -5.74 26.71 -2.10
CA ALA C 262 -5.84 26.25 -3.48
C ALA C 262 -4.90 27.02 -4.40
N THR C 263 -3.83 27.58 -3.84
CA THR C 263 -2.85 28.33 -4.60
C THR C 263 -1.45 27.84 -4.24
N CYS C 264 -0.53 27.99 -5.20
CA CYS C 264 0.89 27.83 -4.94
C CYS C 264 1.54 29.21 -5.03
N ARG C 265 2.59 29.43 -4.26
CA ARG C 265 3.25 30.73 -4.24
C ARG C 265 4.76 30.56 -4.30
N LEU C 266 5.40 31.46 -5.04
CA LEU C 266 6.85 31.44 -5.22
C LEU C 266 7.45 32.63 -4.47
N PHE C 267 8.22 32.34 -3.42
CA PHE C 267 8.87 33.36 -2.61
C PHE C 267 10.37 33.33 -2.88
N ASP C 268 10.96 34.51 -3.09
CA ASP C 268 12.39 34.63 -3.28
C ASP C 268 13.04 35.11 -2.00
N LEU C 269 14.11 34.42 -1.58
CA LEU C 269 14.76 34.76 -0.32
C LEU C 269 15.41 36.13 -0.37
N ARG C 270 16.15 36.42 -1.44
CA ARG C 270 16.83 37.70 -1.56
C ARG C 270 15.85 38.85 -1.62
N ALA C 271 14.77 38.69 -2.41
CA ALA C 271 13.74 39.73 -2.46
C ALA C 271 12.84 39.71 -1.24
N ASP C 272 12.81 38.60 -0.50
CA ASP C 272 11.98 38.46 0.69
C ASP C 272 10.51 38.75 0.39
N GLN C 273 10.05 38.32 -0.78
CA GLN C 273 8.71 38.66 -1.24
C GLN C 273 8.27 37.63 -2.26
N GLU C 274 6.96 37.42 -2.34
CA GLU C 274 6.42 36.46 -3.30
C GLU C 274 6.52 37.02 -4.71
N LEU C 275 6.80 36.13 -5.66
CA LEU C 275 7.00 36.49 -7.05
C LEU C 275 5.83 36.07 -7.94
N MET C 276 5.29 34.88 -7.72
CA MET C 276 4.25 34.35 -8.61
C MET C 276 3.23 33.57 -7.79
N THR C 277 1.98 33.67 -8.21
CA THR C 277 0.88 32.92 -7.62
C THR C 277 0.29 32.01 -8.69
N TYR C 278 0.36 30.71 -8.45
CA TYR C 278 -0.15 29.70 -9.36
C TYR C 278 -1.51 29.28 -8.83
N SER C 279 -2.56 29.81 -9.45
CA SER C 279 -3.93 29.60 -9.02
C SER C 279 -4.85 29.62 -10.23
N HIS C 280 -5.89 28.80 -10.18
CA HIS C 280 -6.88 28.73 -11.24
C HIS C 280 -8.28 28.69 -10.64
N ASP C 281 -9.22 29.29 -11.36
CA ASP C 281 -10.60 29.34 -10.88
C ASP C 281 -11.20 27.95 -10.80
N ASN C 282 -10.91 27.08 -11.77
CA ASN C 282 -11.43 25.73 -11.77
C ASN C 282 -10.85 24.88 -10.66
N ILE C 283 -9.82 25.35 -9.97
CA ILE C 283 -9.18 24.62 -8.89
C ILE C 283 -9.65 25.23 -7.57
N ILE C 284 -10.19 24.40 -6.69
CA ILE C 284 -10.69 24.84 -5.39
C ILE C 284 -10.15 24.00 -4.24
N CYS C 285 -9.49 22.89 -4.53
CA CYS C 285 -8.97 21.99 -3.51
C CYS C 285 -7.57 22.40 -3.08
N GLY C 286 -7.14 21.87 -1.95
CA GLY C 286 -5.82 22.18 -1.43
C GLY C 286 -4.72 21.44 -2.16
N ILE C 287 -3.49 21.80 -1.81
CA ILE C 287 -2.29 21.20 -2.40
C ILE C 287 -1.61 20.37 -1.33
N THR C 288 -1.49 19.08 -1.55
CA THR C 288 -0.83 18.28 -0.58
C THR C 288 0.66 18.36 -0.73
N SER C 289 1.16 18.37 -1.95
CA SER C 289 2.60 18.36 -2.16
C SER C 289 2.97 19.18 -3.38
N VAL C 290 4.16 19.79 -3.32
CA VAL C 290 4.72 20.53 -4.45
C VAL C 290 6.14 20.05 -4.69
N SER C 291 6.62 20.26 -5.91
CA SER C 291 8.00 19.96 -6.25
C SER C 291 8.37 20.71 -7.53
N PHE C 292 9.67 20.80 -7.78
CA PHE C 292 10.20 21.46 -8.96
C PHE C 292 10.89 20.44 -9.85
N SER C 293 10.91 20.73 -11.15
CA SER C 293 11.75 19.97 -12.05
C SER C 293 13.21 20.37 -11.85
N LYS C 294 14.11 19.59 -12.45
CA LYS C 294 15.54 19.82 -12.23
C LYS C 294 15.95 21.21 -12.71
N SER C 295 15.43 21.65 -13.85
CA SER C 295 15.74 22.98 -14.34
C SER C 295 15.08 24.06 -13.48
N GLY C 296 14.03 23.70 -12.76
CA GLY C 296 13.22 24.66 -12.05
C GLY C 296 12.16 25.33 -12.88
N ARG C 297 12.01 24.96 -14.15
CA ARG C 297 11.02 25.55 -15.04
C ARG C 297 9.61 25.06 -14.76
N LEU C 298 9.45 23.85 -14.22
CA LEU C 298 8.14 23.28 -13.98
C LEU C 298 7.94 23.09 -12.48
N LEU C 299 6.80 23.53 -11.97
CA LEU C 299 6.39 23.31 -10.60
C LEU C 299 5.29 22.26 -10.64
N LEU C 300 5.52 21.12 -10.01
CA LEU C 300 4.56 20.03 -10.03
C LEU C 300 3.86 19.99 -8.68
N ALA C 301 2.58 20.32 -8.65
CA ALA C 301 1.82 20.44 -7.41
C ALA C 301 0.74 19.37 -7.40
N GLY C 302 0.71 18.56 -6.34
CA GLY C 302 -0.29 17.52 -6.23
C GLY C 302 -1.52 17.95 -5.47
N TYR C 303 -2.63 18.15 -6.18
CA TYR C 303 -3.83 18.70 -5.56
C TYR C 303 -4.68 17.60 -4.93
N ASP C 304 -5.77 18.00 -4.28
CA ASP C 304 -6.70 17.09 -3.65
C ASP C 304 -7.80 16.63 -4.59
N ASP C 305 -7.92 17.22 -5.77
CA ASP C 305 -8.91 16.80 -6.74
C ASP C 305 -8.45 15.58 -7.52
N PHE C 306 -7.46 14.85 -7.02
CA PHE C 306 -6.92 13.59 -7.51
C PHE C 306 -5.97 13.82 -8.69
N ASN C 307 -5.74 15.06 -9.11
CA ASN C 307 -4.92 15.35 -10.27
C ASN C 307 -3.73 16.20 -9.85
N CYS C 308 -2.54 15.76 -10.23
CA CYS C 308 -1.36 16.61 -10.12
C CYS C 308 -1.32 17.58 -11.30
N ASN C 309 -0.98 18.82 -11.02
CA ASN C 309 -0.91 19.86 -12.04
C ASN C 309 0.53 20.32 -12.20
N VAL C 310 0.97 20.41 -13.45
CA VAL C 310 2.30 20.88 -13.80
C VAL C 310 2.17 22.31 -14.29
N TRP C 311 2.70 23.25 -13.52
CA TRP C 311 2.64 24.67 -13.81
C TRP C 311 3.97 25.11 -14.39
N ASP C 312 3.93 26.04 -15.34
CA ASP C 312 5.14 26.76 -15.71
C ASP C 312 5.54 27.63 -14.53
N ALA C 313 6.81 27.56 -14.13
CA ALA C 313 7.24 28.32 -12.96
C ALA C 313 7.36 29.80 -13.29
N LEU C 314 7.90 30.12 -14.46
CA LEU C 314 8.13 31.53 -14.81
C LEU C 314 6.83 32.22 -15.22
N LYS C 315 5.94 31.51 -15.89
CA LYS C 315 4.66 32.04 -16.31
C LYS C 315 3.55 31.28 -15.60
N ALA C 316 2.57 32.01 -15.07
CA ALA C 316 1.59 31.40 -14.18
C ALA C 316 0.71 30.35 -14.85
N ASP C 317 0.71 30.28 -16.18
CA ASP C 317 -0.19 29.35 -16.87
C ASP C 317 0.19 27.91 -16.55
N ARG C 318 -0.84 27.04 -16.54
CA ARG C 318 -0.65 25.63 -16.23
C ARG C 318 -0.19 24.89 -17.48
N ALA C 319 0.91 24.14 -17.36
CA ALA C 319 1.46 23.44 -18.50
C ALA C 319 0.70 22.14 -18.78
N GLY C 320 0.38 21.37 -17.74
CA GLY C 320 -0.25 20.08 -17.96
C GLY C 320 -0.86 19.51 -16.71
N VAL C 321 -1.43 18.33 -16.84
CA VAL C 321 -2.09 17.62 -15.74
C VAL C 321 -1.60 16.18 -15.73
N LEU C 322 -1.57 15.58 -14.55
CA LEU C 322 -1.30 14.15 -14.38
C LEU C 322 -2.51 13.52 -13.70
N ALA C 323 -3.34 12.82 -14.49
CA ALA C 323 -4.62 12.31 -14.01
C ALA C 323 -4.61 10.80 -13.79
N GLY C 324 -3.52 10.26 -13.24
CA GLY C 324 -3.44 8.82 -13.07
C GLY C 324 -4.14 8.30 -11.83
N HIS C 325 -4.29 9.13 -10.81
CA HIS C 325 -4.72 8.63 -9.51
C HIS C 325 -6.23 8.78 -9.32
N ASP C 326 -6.79 7.89 -8.52
CA ASP C 326 -8.21 7.90 -8.17
C ASP C 326 -8.47 8.45 -6.79
N ASN C 327 -7.46 9.05 -6.15
CA ASN C 327 -7.64 9.67 -4.84
C ASN C 327 -6.61 10.78 -4.71
N ARG C 328 -6.61 11.43 -3.55
CA ARG C 328 -5.76 12.59 -3.31
C ARG C 328 -4.29 12.24 -3.49
N VAL C 329 -3.59 13.09 -4.23
CA VAL C 329 -2.15 12.91 -4.48
C VAL C 329 -1.39 13.44 -3.27
N SER C 330 -1.09 12.57 -2.32
CA SER C 330 -0.48 12.94 -1.09
C SER C 330 0.93 13.32 -1.13
N CYS C 331 1.69 12.72 -1.98
CA CYS C 331 3.13 12.97 -2.09
C CYS C 331 3.56 13.07 -3.54
N LEU C 332 4.57 13.89 -3.77
CA LEU C 332 5.06 14.16 -5.11
C LEU C 332 6.55 14.43 -5.02
N GLY C 333 7.34 13.76 -5.87
CA GLY C 333 8.77 13.92 -5.81
C GLY C 333 9.48 13.73 -7.14
N VAL C 334 10.39 14.64 -7.47
CA VAL C 334 11.13 14.58 -8.72
C VAL C 334 12.51 14.02 -8.46
N THR C 335 13.00 13.20 -9.39
CA THR C 335 14.33 12.63 -9.26
C THR C 335 15.40 13.71 -9.33
N ASP C 336 16.55 13.40 -8.74
CA ASP C 336 17.64 14.37 -8.73
C ASP C 336 18.13 14.68 -10.14
N ASP C 337 18.21 13.67 -10.99
CA ASP C 337 18.58 13.90 -12.39
C ASP C 337 17.43 14.43 -13.21
N GLY C 338 16.23 14.50 -12.66
CA GLY C 338 15.09 15.07 -13.34
C GLY C 338 14.41 14.15 -14.33
N MET C 339 14.79 12.88 -14.38
CA MET C 339 14.24 11.98 -15.37
C MET C 339 12.77 11.63 -15.14
N ALA C 340 12.33 11.56 -13.90
CA ALA C 340 10.99 11.05 -13.61
C ALA C 340 10.32 11.87 -12.52
N VAL C 341 9.02 11.68 -12.41
CA VAL C 341 8.21 12.19 -11.31
C VAL C 341 7.58 11.00 -10.64
N ALA C 342 7.43 11.05 -9.32
CA ALA C 342 6.75 10.00 -8.59
C ALA C 342 5.62 10.63 -7.81
N THR C 343 4.39 10.19 -8.07
CA THR C 343 3.23 10.66 -7.35
C THR C 343 2.63 9.50 -6.57
N GLY C 344 2.55 9.67 -5.25
CA GLY C 344 1.83 8.73 -4.44
C GLY C 344 0.45 9.27 -4.16
N SER C 345 -0.49 8.41 -3.78
CA SER C 345 -1.85 8.88 -3.55
C SER C 345 -2.50 7.99 -2.51
N TRP C 346 -3.69 8.40 -2.09
CA TRP C 346 -4.46 7.65 -1.11
C TRP C 346 -5.11 6.41 -1.69
N ASP C 347 -4.98 6.17 -3.00
CA ASP C 347 -5.48 4.96 -3.62
C ASP C 347 -4.45 3.83 -3.59
N SER C 348 -3.33 4.02 -2.90
CA SER C 348 -2.31 3.02 -2.60
C SER C 348 -1.39 2.69 -3.77
N PHE C 349 -1.22 3.61 -4.71
CA PHE C 349 -0.42 3.32 -5.86
C PHE C 349 0.41 4.50 -6.09
N LEU C 350 1.66 4.31 -6.46
CA LEU C 350 2.57 5.35 -6.69
C LEU C 350 2.77 5.18 -8.10
N LYS C 351 2.94 6.23 -8.84
CA LYS C 351 3.03 6.12 -10.22
C LYS C 351 4.13 6.94 -10.67
N ILE C 352 5.01 6.43 -11.46
CA ILE C 352 6.22 7.07 -11.96
C ILE C 352 5.93 7.56 -13.36
N TRP C 353 5.87 8.87 -13.51
CA TRP C 353 5.64 9.58 -14.76
C TRP C 353 6.96 10.01 -15.37
N ASN C 354 6.93 10.27 -16.68
CA ASN C 354 8.12 10.70 -17.40
C ASN C 354 7.71 11.43 -18.67
N ALA D 17 4.72 39.57 33.03
CA ALA D 17 4.66 38.12 33.07
C ALA D 17 5.10 37.51 31.74
N SER D 18 4.12 37.00 30.98
CA SER D 18 4.42 36.39 29.69
C SER D 18 4.78 37.43 28.62
N ILE D 19 4.56 38.72 28.90
CA ILE D 19 4.82 39.75 27.90
C ILE D 19 6.28 39.74 27.46
N ALA D 20 7.18 39.34 28.36
CA ALA D 20 8.59 39.24 28.00
C ALA D 20 8.79 38.33 26.81
N GLN D 21 8.08 37.19 26.80
CA GLN D 21 8.12 36.32 25.62
C GLN D 21 7.68 37.09 24.38
N ALA D 22 6.59 37.83 24.48
CA ALA D 22 6.14 38.65 23.34
C ALA D 22 7.18 39.70 22.99
N ARG D 23 7.97 40.13 23.97
CA ARG D 23 9.04 41.08 23.69
C ARG D 23 10.07 40.43 22.80
N LYS D 24 10.32 39.14 23.03
CA LYS D 24 11.26 38.42 22.19
C LYS D 24 10.79 38.36 20.74
N LEU D 25 9.48 38.28 20.55
CA LEU D 25 8.93 38.27 19.20
C LEU D 25 9.36 39.57 18.54
N VAL D 26 9.19 40.68 19.25
CA VAL D 26 9.56 41.96 18.70
C VAL D 26 11.01 41.91 18.23
N GLU D 27 11.88 41.31 19.02
CA GLU D 27 13.29 41.32 18.66
C GLU D 27 13.50 40.54 17.38
N GLN D 28 12.79 39.44 17.21
CA GLN D 28 12.89 38.69 15.98
C GLN D 28 12.56 39.57 14.78
N LEU D 29 11.45 40.30 14.84
CA LEU D 29 11.09 41.18 13.74
C LEU D 29 12.23 42.14 13.43
N LYS D 30 12.90 42.65 14.47
CA LYS D 30 14.03 43.55 14.25
C LYS D 30 15.06 42.91 13.33
N MET D 31 15.37 41.63 13.56
CA MET D 31 16.33 40.95 12.71
C MET D 31 15.84 40.91 11.28
N GLU D 32 14.55 40.64 11.06
CA GLU D 32 14.02 40.59 9.71
C GLU D 32 14.04 41.98 9.08
N ALA D 33 14.09 43.03 9.90
CA ALA D 33 14.22 44.38 9.36
C ALA D 33 15.63 44.63 8.85
N ASN D 34 16.63 43.94 9.41
CA ASN D 34 18.00 44.20 9.03
C ASN D 34 18.40 43.43 7.77
N ILE D 35 17.52 42.56 7.28
CA ILE D 35 17.83 41.78 6.08
C ILE D 35 17.88 42.70 4.88
N ASP D 36 18.99 42.65 4.14
CA ASP D 36 19.12 43.42 2.91
C ASP D 36 18.29 42.77 1.80
N ARG D 37 17.51 43.57 1.11
CA ARG D 37 16.60 43.09 0.06
C ARG D 37 17.02 43.69 -1.27
N ILE D 38 17.24 42.82 -2.26
CA ILE D 38 17.56 43.26 -3.61
C ILE D 38 16.26 43.50 -4.35
N LYS D 39 16.37 44.18 -5.49
CA LYS D 39 15.18 44.46 -6.30
C LYS D 39 14.56 43.18 -6.81
N VAL D 40 13.23 43.13 -6.82
CA VAL D 40 12.51 41.95 -7.28
C VAL D 40 12.80 41.69 -8.76
N SER D 41 13.08 42.75 -9.53
CA SER D 41 13.44 42.55 -10.93
C SER D 41 14.71 41.72 -11.05
N LYS D 42 15.70 41.99 -10.20
CA LYS D 42 16.94 41.22 -10.24
C LYS D 42 16.68 39.76 -9.87
N ALA D 43 15.85 39.52 -8.86
CA ALA D 43 15.53 38.15 -8.46
C ALA D 43 14.82 37.40 -9.57
N ALA D 44 13.85 38.06 -10.23
CA ALA D 44 13.17 37.42 -11.35
C ALA D 44 14.13 37.15 -12.49
N ALA D 45 15.04 38.08 -12.77
CA ALA D 45 16.02 37.87 -13.82
C ALA D 45 16.92 36.70 -13.51
N ASP D 46 17.35 36.57 -12.25
CA ASP D 46 18.19 35.44 -11.86
C ASP D 46 17.45 34.12 -11.98
N LEU D 47 16.18 34.09 -11.56
CA LEU D 47 15.40 32.86 -11.70
C LEU D 47 15.24 32.48 -13.16
N MET D 48 14.93 33.46 -14.01
CA MET D 48 14.78 33.17 -15.44
C MET D 48 16.09 32.72 -16.06
N ALA D 49 17.20 33.33 -15.65
CA ALA D 49 18.51 32.94 -16.18
C ALA D 49 18.85 31.51 -15.77
N TYR D 50 18.55 31.14 -14.52
CA TYR D 50 18.81 29.77 -14.09
C TYR D 50 17.93 28.79 -14.86
N CYS D 51 16.67 29.13 -15.06
CA CYS D 51 15.77 28.22 -15.78
C CYS D 51 16.18 28.07 -17.24
N GLU D 52 16.70 29.14 -17.84
CA GLU D 52 17.12 29.06 -19.23
C GLU D 52 18.46 28.34 -19.37
N ALA D 53 19.35 28.51 -18.39
CA ALA D 53 20.68 27.92 -18.48
C ALA D 53 20.62 26.40 -18.40
N HIS D 54 19.70 25.86 -17.59
CA HIS D 54 19.58 24.42 -17.41
C HIS D 54 18.41 23.84 -18.18
N ALA D 55 17.99 24.48 -19.28
CA ALA D 55 16.87 23.97 -20.05
C ALA D 55 17.19 22.61 -20.66
N LYS D 56 18.40 22.42 -21.16
CA LYS D 56 18.76 21.15 -21.79
C LYS D 56 18.91 20.04 -20.76
N GLU D 57 19.22 20.40 -19.51
CA GLU D 57 19.46 19.38 -18.49
C GLU D 57 18.16 18.72 -18.02
N ASP D 58 17.04 19.43 -18.13
CA ASP D 58 15.78 18.90 -17.63
C ASP D 58 15.17 17.90 -18.60
N PRO D 59 14.98 16.65 -18.20
CA PRO D 59 14.30 15.69 -19.08
C PRO D 59 12.80 15.86 -19.12
N LEU D 60 12.19 16.37 -18.04
CA LEU D 60 10.75 16.57 -18.04
C LEU D 60 10.33 17.73 -18.94
N LEU D 61 11.17 18.76 -19.05
CA LEU D 61 10.82 19.91 -19.88
C LEU D 61 10.69 19.51 -21.35
N THR D 62 11.69 18.76 -21.81
CA THR D 62 11.72 18.29 -23.20
C THR D 62 11.83 16.76 -23.22
N PRO D 63 10.81 16.02 -23.72
CA PRO D 63 10.87 14.55 -23.63
C PRO D 63 12.10 13.97 -24.32
N VAL D 64 12.96 13.34 -23.53
CA VAL D 64 14.21 12.77 -24.03
C VAL D 64 13.90 11.58 -24.92
N PRO D 65 14.79 11.20 -25.84
CA PRO D 65 14.54 10.03 -26.68
C PRO D 65 14.40 8.77 -25.84
N ALA D 66 13.55 7.85 -26.32
CA ALA D 66 13.28 6.62 -25.59
C ALA D 66 14.54 5.76 -25.45
N SER D 67 15.55 5.99 -26.28
CA SER D 67 16.79 5.23 -26.16
C SER D 67 17.49 5.51 -24.83
N GLU D 68 17.55 6.77 -24.43
CA GLU D 68 18.21 7.17 -23.19
C GLU D 68 17.24 7.33 -22.03
N ASN D 69 15.96 7.01 -22.22
CA ASN D 69 14.98 7.09 -21.16
C ASN D 69 15.07 5.85 -20.28
N PRO D 70 15.40 6.01 -19.00
CA PRO D 70 15.43 4.83 -18.11
C PRO D 70 14.09 4.13 -18.01
N PHE D 71 13.00 4.88 -18.05
CA PHE D 71 11.65 4.31 -18.01
C PHE D 71 11.07 4.22 -19.42
N ARG D 72 11.73 3.41 -20.25
CA ARG D 72 11.38 3.36 -21.67
C ARG D 72 10.00 2.75 -21.90
N GLU D 73 9.63 1.73 -21.12
CA GLU D 73 8.33 1.09 -21.30
C GLU D 73 7.52 1.09 -20.02
N VAL E 40 27.99 -12.25 12.26
CA VAL E 40 27.38 -13.33 11.51
C VAL E 40 28.34 -14.51 11.45
N GLN E 41 27.81 -15.72 11.34
CA GLN E 41 28.65 -16.90 11.20
C GLN E 41 27.86 -18.04 10.59
N LEU E 42 28.56 -18.86 9.81
CA LEU E 42 28.02 -20.08 9.21
C LEU E 42 28.98 -21.20 9.58
N VAL E 43 28.50 -22.22 10.26
CA VAL E 43 29.33 -23.33 10.72
C VAL E 43 28.87 -24.59 10.01
N GLU E 44 29.79 -25.23 9.28
CA GLU E 44 29.46 -26.45 8.58
C GLU E 44 29.86 -27.67 9.41
N SER E 45 29.15 -28.77 9.15
CA SER E 45 29.38 -30.02 9.86
C SER E 45 28.83 -31.15 9.01
N GLY E 46 29.22 -32.38 9.36
CA GLY E 46 28.77 -33.56 8.65
C GLY E 46 29.78 -34.17 7.71
N GLY E 47 30.90 -33.49 7.47
CA GLY E 47 31.91 -34.06 6.62
C GLY E 47 32.76 -35.11 7.32
N GLY E 48 33.58 -35.78 6.54
CA GLY E 48 34.44 -36.81 7.09
C GLY E 48 34.87 -37.79 6.02
N LEU E 49 35.24 -38.98 6.45
CA LEU E 49 35.63 -40.05 5.55
C LEU E 49 34.41 -40.86 5.15
N VAL E 50 34.23 -41.06 3.85
CA VAL E 50 33.08 -41.77 3.32
C VAL E 50 33.54 -42.71 2.22
N GLN E 51 32.96 -43.90 2.20
CA GLN E 51 33.26 -44.84 1.12
C GLN E 51 32.63 -44.34 -0.17
N PRO E 52 33.28 -44.60 -1.32
CA PRO E 52 32.71 -44.16 -2.59
C PRO E 52 31.36 -44.81 -2.84
N GLY E 53 30.44 -44.04 -3.43
CA GLY E 53 29.08 -44.48 -3.65
C GLY E 53 28.16 -44.31 -2.46
N GLY E 54 28.68 -43.87 -1.31
CA GLY E 54 27.84 -43.67 -0.14
C GLY E 54 27.14 -42.32 -0.15
N SER E 55 26.28 -42.13 0.85
CA SER E 55 25.49 -40.92 1.00
C SER E 55 25.88 -40.21 2.28
N ARG E 56 26.08 -38.89 2.19
CA ARG E 56 26.45 -38.09 3.35
C ARG E 56 25.65 -36.80 3.34
N LYS E 57 25.31 -36.31 4.53
CA LYS E 57 24.52 -35.09 4.69
C LYS E 57 25.38 -34.02 5.34
N LEU E 58 25.51 -32.88 4.68
CA LEU E 58 26.24 -31.73 5.19
C LEU E 58 25.26 -30.71 5.72
N SER E 59 25.50 -30.23 6.94
CA SER E 59 24.66 -29.24 7.58
C SER E 59 25.45 -27.95 7.75
N CYS E 60 24.74 -26.83 7.64
CA CYS E 60 25.33 -25.50 7.76
C CYS E 60 24.42 -24.71 8.70
N SER E 61 24.85 -24.54 9.94
CA SER E 61 24.10 -23.77 10.93
C SER E 61 24.50 -22.31 10.81
N ALA E 62 23.50 -21.44 10.63
CA ALA E 62 23.70 -20.03 10.43
C ALA E 62 23.20 -19.26 11.64
N SER E 63 24.01 -18.35 12.15
CA SER E 63 23.58 -17.48 13.25
C SER E 63 24.10 -16.08 13.03
N GLY E 64 23.39 -15.11 13.59
CA GLY E 64 23.79 -13.72 13.52
C GLY E 64 23.24 -12.94 12.36
N PHE E 65 22.40 -13.54 11.52
CA PHE E 65 21.79 -12.81 10.41
C PHE E 65 20.44 -13.44 10.09
N ALA E 66 19.63 -12.70 9.33
CA ALA E 66 18.30 -13.14 8.93
C ALA E 66 18.45 -14.20 7.85
N PHE E 67 18.53 -15.46 8.28
CA PHE E 67 18.82 -16.55 7.36
C PHE E 67 17.73 -16.70 6.30
N SER E 68 16.50 -16.29 6.62
CA SER E 68 15.39 -16.47 5.70
C SER E 68 15.55 -15.61 4.45
N SER E 69 16.13 -14.42 4.60
CA SER E 69 16.22 -13.48 3.49
C SER E 69 17.42 -13.74 2.59
N PHE E 70 18.27 -14.69 2.91
CA PHE E 70 19.51 -14.93 2.18
C PHE E 70 19.39 -16.20 1.35
N GLY E 71 19.63 -16.08 0.05
CA GLY E 71 19.90 -17.26 -0.74
C GLY E 71 21.21 -17.89 -0.32
N MET E 72 21.29 -19.22 -0.45
CA MET E 72 22.42 -19.96 0.09
C MET E 72 23.06 -20.81 -0.99
N HIS E 73 24.38 -20.71 -1.10
CA HIS E 73 25.16 -21.51 -2.04
C HIS E 73 26.02 -22.51 -1.28
N TRP E 74 26.24 -23.65 -1.91
CA TRP E 74 27.28 -24.59 -1.52
C TRP E 74 28.36 -24.54 -2.58
N VAL E 75 29.59 -24.25 -2.17
CA VAL E 75 30.73 -24.12 -3.08
C VAL E 75 31.84 -25.01 -2.57
N ARG E 76 32.31 -25.94 -3.41
CA ARG E 76 33.34 -26.86 -2.98
C ARG E 76 34.69 -26.49 -3.58
N GLN E 77 35.74 -26.83 -2.86
CA GLN E 77 37.12 -26.60 -3.31
C GLN E 77 37.88 -27.90 -3.16
N ALA E 78 38.38 -28.42 -4.28
CA ALA E 78 39.16 -29.64 -4.25
C ALA E 78 40.50 -29.40 -3.56
N PRO E 79 41.10 -30.44 -2.99
CA PRO E 79 42.41 -30.26 -2.34
C PRO E 79 43.44 -29.70 -3.31
N GLU E 80 44.02 -28.56 -2.93
CA GLU E 80 45.03 -27.87 -3.74
C GLU E 80 44.49 -27.53 -5.12
N LYS E 81 43.25 -27.08 -5.19
CA LYS E 81 42.64 -26.66 -6.46
C LYS E 81 41.77 -25.44 -6.22
N GLY E 82 41.17 -24.96 -7.30
CA GLY E 82 40.35 -23.77 -7.22
C GLY E 82 38.95 -24.07 -6.73
N LEU E 83 38.19 -23.00 -6.52
CA LEU E 83 36.82 -23.12 -6.06
C LEU E 83 35.92 -23.63 -7.18
N GLU E 84 34.90 -24.40 -6.80
CA GLU E 84 33.92 -24.93 -7.73
C GLU E 84 32.53 -24.78 -7.13
N TRP E 85 31.64 -24.14 -7.88
CA TRP E 85 30.27 -23.97 -7.41
C TRP E 85 29.51 -25.29 -7.49
N VAL E 86 28.76 -25.59 -6.43
CA VAL E 86 28.04 -26.86 -6.31
C VAL E 86 26.54 -26.66 -6.45
N ALA E 87 25.95 -25.83 -5.59
CA ALA E 87 24.50 -25.73 -5.58
C ALA E 87 24.06 -24.37 -5.05
N TYR E 88 22.81 -24.04 -5.33
CA TYR E 88 22.22 -22.79 -4.86
C TYR E 88 20.75 -23.00 -4.59
N ILE E 89 20.27 -22.51 -3.44
CA ILE E 89 18.85 -22.52 -3.11
C ILE E 89 18.44 -21.11 -2.71
N SER E 90 17.37 -20.61 -3.31
CA SER E 90 16.99 -19.22 -3.11
C SER E 90 16.29 -19.04 -1.78
N SER E 91 16.01 -17.78 -1.46
CA SER E 91 15.21 -17.48 -0.27
C SER E 91 13.79 -17.99 -0.47
N GLY E 92 13.28 -18.72 0.51
CA GLY E 92 11.99 -19.35 0.37
C GLY E 92 11.99 -20.59 -0.51
N SER E 93 13.17 -21.05 -0.92
CA SER E 93 13.31 -22.26 -1.74
C SER E 93 12.56 -22.15 -3.06
N GLY E 94 12.41 -20.91 -3.57
CA GLY E 94 11.69 -20.73 -4.82
C GLY E 94 12.42 -21.34 -6.01
N THR E 95 13.72 -21.12 -6.10
CA THR E 95 14.54 -21.64 -7.19
C THR E 95 15.73 -22.40 -6.62
N ILE E 96 16.06 -23.51 -7.26
CA ILE E 96 17.20 -24.34 -6.89
C ILE E 96 17.99 -24.65 -8.15
N TYR E 97 19.31 -24.49 -8.07
CA TYR E 97 20.20 -24.80 -9.18
C TYR E 97 21.32 -25.70 -8.70
N TYR E 98 21.76 -26.59 -9.59
CA TYR E 98 22.86 -27.50 -9.29
C TYR E 98 23.89 -27.43 -10.41
N ALA E 99 25.14 -27.69 -10.03
CA ALA E 99 26.18 -27.85 -11.04
C ALA E 99 25.92 -29.13 -11.84
N ASP E 100 26.22 -29.08 -13.13
CA ASP E 100 26.01 -30.24 -13.98
C ASP E 100 26.82 -31.44 -13.49
N THR E 101 27.91 -31.19 -12.77
CA THR E 101 28.71 -32.30 -12.23
C THR E 101 27.93 -33.08 -11.19
N VAL E 102 27.15 -32.40 -10.36
CA VAL E 102 26.46 -33.02 -9.23
C VAL E 102 24.95 -32.97 -9.40
N LYS E 103 24.44 -32.55 -10.55
CA LYS E 103 23.01 -32.47 -10.73
C LYS E 103 22.42 -33.87 -10.79
N GLY E 104 21.39 -34.12 -9.98
CA GLY E 104 20.78 -35.42 -9.87
C GLY E 104 21.34 -36.29 -8.76
N ARG E 105 22.55 -35.98 -8.27
CA ARG E 105 23.14 -36.72 -7.16
C ARG E 105 23.12 -35.93 -5.86
N PHE E 106 23.07 -34.61 -5.92
CA PHE E 106 23.03 -33.76 -4.74
C PHE E 106 21.67 -33.09 -4.62
N THR E 107 21.16 -32.97 -3.41
CA THR E 107 19.91 -32.29 -3.13
C THR E 107 20.14 -31.23 -2.06
N ILE E 108 19.79 -29.99 -2.36
CA ILE E 108 20.00 -28.88 -1.44
C ILE E 108 18.65 -28.48 -0.86
N SER E 109 18.64 -28.13 0.43
CA SER E 109 17.42 -27.76 1.11
C SER E 109 17.76 -26.81 2.26
N ARG E 110 16.75 -26.14 2.77
CA ARG E 110 16.96 -25.21 3.87
C ARG E 110 15.81 -25.30 4.86
N ASP E 111 16.17 -25.28 6.14
CA ASP E 111 15.21 -25.25 7.25
C ASP E 111 15.31 -23.86 7.87
N ASP E 112 14.48 -22.94 7.37
CA ASP E 112 14.50 -21.57 7.89
C ASP E 112 14.13 -21.49 9.37
N PRO E 113 13.09 -22.16 9.87
CA PRO E 113 12.82 -22.08 11.32
C PRO E 113 13.99 -22.52 12.18
N LYS E 114 14.76 -23.51 11.74
CA LYS E 114 15.95 -23.94 12.44
C LYS E 114 17.20 -23.21 11.99
N ASN E 115 17.10 -22.34 10.99
CA ASN E 115 18.23 -21.60 10.44
C ASN E 115 19.36 -22.54 10.05
N THR E 116 19.04 -23.52 9.20
CA THR E 116 20.03 -24.51 8.80
C THR E 116 19.94 -24.74 7.30
N LEU E 117 21.06 -25.13 6.71
CA LEU E 117 21.16 -25.48 5.30
C LEU E 117 21.65 -26.91 5.17
N PHE E 118 21.05 -27.69 4.27
CA PHE E 118 21.38 -29.10 4.14
C PHE E 118 21.76 -29.40 2.70
N LEU E 119 22.80 -30.21 2.54
CA LEU E 119 23.18 -30.79 1.26
C LEU E 119 23.28 -32.29 1.43
N GLN E 120 22.38 -33.01 0.75
CA GLN E 120 22.36 -34.47 0.80
C GLN E 120 23.04 -34.99 -0.45
N MET E 121 24.06 -35.82 -0.28
CA MET E 121 24.84 -36.37 -1.37
C MET E 121 24.63 -37.87 -1.41
N THR E 122 24.20 -38.37 -2.57
CA THR E 122 23.76 -39.76 -2.71
C THR E 122 24.85 -40.67 -3.28
N SER E 123 25.38 -40.33 -4.46
CA SER E 123 26.42 -41.13 -5.10
C SER E 123 27.72 -40.33 -5.05
N LEU E 124 28.54 -40.62 -4.04
CA LEU E 124 29.78 -39.88 -3.82
C LEU E 124 30.89 -40.50 -4.64
N ARG E 125 31.25 -39.84 -5.74
CA ARG E 125 32.32 -40.30 -6.61
C ARG E 125 33.67 -39.95 -6.00
N SER E 126 34.74 -40.21 -6.77
CA SER E 126 36.08 -39.85 -6.32
C SER E 126 36.38 -38.37 -6.57
N GLU E 127 35.53 -37.69 -7.33
CA GLU E 127 35.70 -36.26 -7.59
C GLU E 127 34.94 -35.39 -6.59
N ASP E 128 34.30 -36.01 -5.61
CA ASP E 128 33.56 -35.26 -4.62
C ASP E 128 34.37 -35.04 -3.36
N THR E 129 35.66 -35.35 -3.41
CA THR E 129 36.50 -35.07 -2.26
C THR E 129 36.76 -33.62 -2.31
N ALA E 130 36.46 -32.92 -1.23
CA ALA E 130 36.61 -31.48 -1.23
C ALA E 130 36.19 -30.82 0.04
N MET E 131 36.60 -29.57 0.22
CA MET E 131 36.14 -28.78 1.35
C MET E 131 34.95 -27.95 0.89
N TYR E 132 33.82 -28.12 1.57
CA TYR E 132 32.57 -27.48 1.18
C TYR E 132 32.35 -26.23 2.04
N TYR E 133 32.05 -25.11 1.38
CA TYR E 133 31.80 -23.84 2.02
C TYR E 133 30.34 -23.47 1.83
N CYS E 134 29.72 -22.94 2.88
CA CYS E 134 28.34 -22.53 2.85
C CYS E 134 28.44 -21.07 2.70
N VAL E 135 27.96 -20.53 1.61
CA VAL E 135 28.03 -19.11 1.29
C VAL E 135 26.64 -18.52 1.34
N ARG E 136 26.53 -17.28 1.80
CA ARG E 136 25.27 -16.56 1.82
C ARG E 136 25.32 -15.45 0.77
N SER E 137 24.20 -15.24 0.09
CA SER E 137 24.11 -14.18 -0.91
C SER E 137 22.66 -13.69 -0.95
N ILE E 138 22.49 -12.39 -0.78
CA ILE E 138 21.17 -11.75 -0.84
C ILE E 138 21.12 -10.90 -2.08
N TYR E 139 20.08 -11.06 -2.88
CA TYR E 139 19.98 -10.41 -4.18
C TYR E 139 18.87 -9.38 -4.16
N TYR E 140 19.25 -8.11 -4.17
CA TYR E 140 18.36 -7.01 -4.49
C TYR E 140 19.22 -5.95 -5.16
N TYR E 141 18.61 -4.82 -5.49
CA TYR E 141 19.37 -3.77 -6.15
C TYR E 141 20.42 -3.22 -5.20
N GLY E 142 21.68 -3.29 -5.62
CA GLY E 142 22.78 -2.74 -4.84
C GLY E 142 23.30 -3.63 -3.74
N SER E 143 22.85 -4.86 -3.65
CA SER E 143 23.32 -5.78 -2.62
C SER E 143 24.67 -6.35 -3.01
N SER E 144 25.29 -7.05 -2.05
CA SER E 144 26.59 -7.68 -2.25
C SER E 144 26.45 -9.18 -2.04
N PRO E 145 26.18 -9.92 -3.15
CA PRO E 145 26.07 -11.34 -2.98
C PRO E 145 27.39 -11.99 -2.65
N PHE E 146 27.36 -13.20 -2.12
CA PHE E 146 28.56 -13.95 -1.79
C PHE E 146 29.38 -13.32 -0.71
N ASP E 147 28.75 -12.55 0.15
CA ASP E 147 29.44 -11.82 1.19
C ASP E 147 30.15 -12.62 2.24
N PHE E 148 29.51 -13.63 2.80
CA PHE E 148 30.13 -14.32 3.90
C PHE E 148 30.20 -15.77 3.61
N TRP E 149 31.39 -16.32 3.73
CA TRP E 149 31.61 -17.70 3.43
C TRP E 149 31.87 -18.45 4.69
N GLY E 150 31.18 -19.53 4.89
CA GLY E 150 31.37 -20.36 6.06
C GLY E 150 32.78 -20.88 6.17
N GLN E 151 33.07 -21.48 7.32
CA GLN E 151 34.40 -22.05 7.54
C GLN E 151 34.66 -23.22 6.58
N GLY E 152 33.66 -24.05 6.37
CA GLY E 152 33.79 -25.18 5.46
C GLY E 152 34.08 -26.48 6.17
N THR E 153 33.64 -27.60 5.58
CA THR E 153 33.88 -28.92 6.16
C THR E 153 34.51 -29.82 5.11
N THR E 154 35.40 -30.69 5.54
CA THR E 154 36.14 -31.58 4.64
C THR E 154 35.35 -32.86 4.42
N LEU E 155 35.27 -33.30 3.18
CA LEU E 155 34.58 -34.53 2.80
C LEU E 155 35.50 -35.32 1.90
N THR E 156 36.06 -36.41 2.41
CA THR E 156 37.03 -37.22 1.69
C THR E 156 36.45 -38.59 1.39
N VAL E 157 36.54 -39.00 0.12
CA VAL E 157 36.04 -40.29 -0.31
C VAL E 157 37.21 -41.26 -0.39
N SER E 158 36.95 -42.50 0.04
CA SER E 158 37.97 -43.54 0.00
C SER E 158 38.29 -43.92 -1.43
N SER E 159 39.57 -44.18 -1.69
CA SER E 159 40.02 -44.56 -3.03
C SER E 159 40.83 -45.84 -2.98
N ASP E 175 29.27 -23.63 -20.91
CA ASP E 175 29.23 -22.72 -19.77
C ASP E 175 30.35 -21.70 -19.91
N ILE E 176 30.16 -20.55 -19.25
CA ILE E 176 31.18 -19.52 -19.24
C ILE E 176 32.40 -20.02 -18.47
N VAL E 177 33.58 -19.81 -19.04
CA VAL E 177 34.83 -20.23 -18.42
C VAL E 177 35.65 -18.99 -18.09
N MET E 178 36.14 -18.92 -16.85
CA MET E 178 36.99 -17.83 -16.40
C MET E 178 38.41 -18.34 -16.32
N THR E 179 39.35 -17.61 -16.94
CA THR E 179 40.73 -18.03 -17.04
C THR E 179 41.62 -17.01 -16.36
N GLN E 180 42.47 -17.46 -15.44
CA GLN E 180 43.49 -16.65 -14.79
C GLN E 180 44.84 -17.25 -15.14
N ALA E 181 45.41 -16.81 -16.27
CA ALA E 181 46.66 -17.39 -16.73
C ALA E 181 47.79 -17.14 -15.74
N THR E 182 47.89 -15.93 -15.21
CA THR E 182 48.94 -15.61 -14.27
C THR E 182 48.75 -16.36 -12.97
N SER E 183 49.84 -16.90 -12.43
CA SER E 183 49.82 -17.61 -11.16
C SER E 183 51.17 -17.48 -10.49
N SER E 184 51.16 -17.60 -9.16
CA SER E 184 52.37 -17.55 -8.34
C SER E 184 53.16 -16.27 -8.59
N VAL E 185 52.49 -15.13 -8.39
CA VAL E 185 53.17 -13.84 -8.58
C VAL E 185 54.05 -13.56 -7.37
N PRO E 186 55.36 -13.34 -7.57
CA PRO E 186 56.27 -13.21 -6.42
C PRO E 186 56.40 -11.79 -5.90
N VAL E 187 55.46 -10.90 -6.25
CA VAL E 187 55.58 -9.49 -5.90
C VAL E 187 55.74 -9.30 -4.39
N THR E 188 56.50 -8.27 -4.01
CA THR E 188 56.85 -7.92 -2.65
C THR E 188 55.88 -6.86 -2.12
N PRO E 189 55.72 -6.79 -0.80
CA PRO E 189 54.82 -5.77 -0.22
C PRO E 189 55.29 -4.36 -0.53
N GLY E 190 54.32 -3.46 -0.70
CA GLY E 190 54.58 -2.07 -1.01
C GLY E 190 54.50 -1.72 -2.47
N GLU E 191 54.49 -2.71 -3.36
CA GLU E 191 54.44 -2.50 -4.79
C GLU E 191 53.09 -2.95 -5.32
N SER E 192 52.47 -2.10 -6.15
CA SER E 192 51.16 -2.43 -6.70
C SER E 192 51.24 -3.64 -7.61
N VAL E 193 50.25 -4.53 -7.49
CA VAL E 193 50.15 -5.73 -8.31
C VAL E 193 48.74 -5.82 -8.88
N SER E 194 48.64 -6.20 -10.15
CA SER E 194 47.36 -6.36 -10.82
C SER E 194 47.19 -7.82 -11.21
N ILE E 195 46.10 -8.43 -10.73
CA ILE E 195 45.73 -9.79 -11.08
C ILE E 195 44.70 -9.72 -12.20
N SER E 196 44.96 -10.44 -13.29
CA SER E 196 44.11 -10.37 -14.47
C SER E 196 43.31 -11.65 -14.62
N CYS E 197 42.06 -11.50 -15.02
CA CYS E 197 41.17 -12.62 -15.29
C CYS E 197 40.44 -12.36 -16.59
N ARG E 198 40.02 -13.43 -17.25
CA ARG E 198 39.42 -13.32 -18.57
C ARG E 198 38.19 -14.21 -18.66
N SER E 199 37.16 -13.72 -19.36
CA SER E 199 35.91 -14.44 -19.52
C SER E 199 35.67 -14.75 -20.99
N SER E 200 35.21 -15.98 -21.25
CA SER E 200 34.90 -16.38 -22.62
C SER E 200 33.72 -15.57 -23.18
N LYS E 201 32.71 -15.34 -22.36
CA LYS E 201 31.52 -14.60 -22.77
C LYS E 201 31.51 -13.26 -22.05
N SER E 202 31.09 -12.22 -22.76
CA SER E 202 31.06 -10.88 -22.17
C SER E 202 30.12 -10.84 -20.98
N LEU E 203 30.66 -10.46 -19.82
CA LEU E 203 29.88 -10.39 -18.60
C LEU E 203 29.07 -9.10 -18.49
N LEU E 204 29.36 -8.10 -19.33
CA LEU E 204 28.53 -6.91 -19.36
C LEU E 204 27.13 -7.27 -19.80
N HIS E 205 26.14 -6.77 -19.07
CA HIS E 205 24.75 -7.12 -19.31
C HIS E 205 24.01 -5.91 -19.86
N SER E 206 22.78 -6.15 -20.34
CA SER E 206 21.98 -5.06 -20.89
C SER E 206 21.71 -3.98 -19.86
N ASN E 207 21.45 -4.37 -18.61
CA ASN E 207 21.15 -3.39 -17.57
C ASN E 207 22.38 -2.57 -17.20
N GLY E 208 23.57 -2.99 -17.64
CA GLY E 208 24.79 -2.28 -17.39
C GLY E 208 25.66 -2.87 -16.29
N ASN E 209 25.16 -3.86 -15.56
CA ASN E 209 25.92 -4.48 -14.50
C ASN E 209 26.83 -5.56 -15.07
N THR E 210 28.11 -5.52 -14.71
CA THR E 210 29.06 -6.54 -15.08
C THR E 210 29.24 -7.50 -13.91
N TYR E 211 28.72 -8.72 -14.05
CA TYR E 211 28.68 -9.67 -12.93
C TYR E 211 29.99 -10.44 -12.85
N LEU E 212 31.02 -9.74 -12.39
CA LEU E 212 32.34 -10.33 -12.17
C LEU E 212 32.74 -10.06 -10.73
N TYR E 213 32.92 -11.13 -9.96
CA TYR E 213 33.22 -11.05 -8.55
C TYR E 213 34.67 -11.45 -8.30
N TRP E 214 35.35 -10.70 -7.44
CA TRP E 214 36.69 -11.02 -6.99
C TRP E 214 36.66 -11.48 -5.54
N PHE E 215 37.19 -12.68 -5.29
CA PHE E 215 37.30 -13.25 -3.96
C PHE E 215 38.76 -13.45 -3.61
N LEU E 216 39.06 -13.36 -2.32
CA LEU E 216 40.39 -13.62 -1.80
C LEU E 216 40.32 -14.69 -0.73
N GLN E 217 41.18 -15.69 -0.83
CA GLN E 217 41.29 -16.75 0.15
C GLN E 217 42.71 -16.73 0.70
N ARG E 218 42.83 -16.28 1.95
CA ARG E 218 44.12 -16.31 2.63
C ARG E 218 44.43 -17.75 3.03
N PRO E 219 45.72 -18.09 3.17
CA PRO E 219 46.08 -19.47 3.51
C PRO E 219 45.47 -19.90 4.83
N GLY E 220 44.94 -21.11 4.84
CA GLY E 220 44.30 -21.66 6.04
C GLY E 220 43.10 -20.85 6.50
N GLN E 221 42.32 -20.29 5.57
CA GLN E 221 41.20 -19.44 5.91
C GLN E 221 40.14 -19.54 4.83
N SER E 222 38.89 -19.27 5.21
CA SER E 222 37.80 -19.29 4.27
C SER E 222 37.92 -18.11 3.30
N PRO E 223 37.46 -18.27 2.06
CA PRO E 223 37.47 -17.13 1.13
C PRO E 223 36.57 -16.01 1.63
N GLN E 224 36.94 -14.78 1.30
CA GLN E 224 36.14 -13.62 1.64
C GLN E 224 35.92 -12.78 0.39
N LEU E 225 34.76 -12.14 0.33
CA LEU E 225 34.43 -11.31 -0.82
C LEU E 225 35.30 -10.06 -0.82
N LEU E 226 35.84 -9.67 -1.97
CA LEU E 226 36.61 -8.44 -2.08
C LEU E 226 35.91 -7.44 -2.95
N ILE E 227 35.58 -7.81 -4.18
CA ILE E 227 34.89 -6.90 -5.10
C ILE E 227 33.64 -7.54 -5.66
N TYR E 228 32.50 -6.86 -5.60
CA TYR E 228 31.29 -7.38 -6.21
C TYR E 228 30.92 -6.63 -7.43
N ARG E 229 30.40 -7.31 -8.44
CA ARG E 229 30.03 -6.66 -9.69
C ARG E 229 31.11 -5.82 -10.33
N MET E 230 32.32 -6.35 -10.44
CA MET E 230 33.44 -5.69 -11.11
C MET E 230 34.14 -4.54 -10.43
N SER E 231 33.41 -3.50 -10.05
CA SER E 231 34.05 -2.36 -9.48
C SER E 231 33.65 -2.12 -8.07
N ASN E 232 32.47 -2.57 -7.70
CA ASN E 232 31.97 -2.27 -6.37
C ASN E 232 32.79 -2.96 -5.31
N LEU E 233 33.17 -2.23 -4.27
CA LEU E 233 34.05 -2.75 -3.22
C LEU E 233 33.23 -3.29 -2.07
N ALA E 234 33.55 -4.51 -1.64
CA ALA E 234 32.83 -5.14 -0.55
C ALA E 234 33.07 -4.39 0.76
N SER E 235 32.03 -4.31 1.57
CA SER E 235 32.14 -3.61 2.84
C SER E 235 33.04 -4.38 3.80
N GLY E 236 33.91 -3.66 4.49
CA GLY E 236 34.87 -4.31 5.37
C GLY E 236 36.16 -4.62 4.65
N VAL E 237 36.31 -4.12 3.44
CA VAL E 237 37.50 -4.42 2.66
C VAL E 237 38.32 -3.18 2.42
N PRO E 238 39.62 -3.23 2.75
CA PRO E 238 40.49 -2.07 2.61
C PRO E 238 40.42 -1.42 1.25
N ASP E 239 40.53 -0.10 1.20
CA ASP E 239 40.41 0.62 -0.06
C ASP E 239 41.50 0.24 -1.06
N ARG E 240 42.54 -0.49 -0.61
CA ARG E 240 43.65 -0.82 -1.48
C ARG E 240 43.23 -1.62 -2.71
N PHE E 241 42.12 -2.34 -2.65
CA PHE E 241 41.66 -3.17 -3.74
C PHE E 241 40.79 -2.35 -4.69
N SER E 242 41.02 -2.50 -5.99
CA SER E 242 40.20 -1.86 -7.00
C SER E 242 39.97 -2.82 -8.15
N GLY E 243 38.83 -2.68 -8.81
CA GLY E 243 38.47 -3.55 -9.91
C GLY E 243 38.10 -2.77 -11.15
N SER E 244 38.46 -3.32 -12.30
CA SER E 244 38.14 -2.68 -13.57
C SER E 244 37.98 -3.76 -14.63
N GLY E 245 37.32 -3.41 -15.73
CA GLY E 245 37.11 -4.38 -16.79
C GLY E 245 36.39 -3.84 -18.00
N SER E 246 36.82 -4.28 -19.19
CA SER E 246 36.16 -3.86 -20.42
C SER E 246 34.83 -4.59 -20.61
N GLY E 247 34.75 -5.82 -20.13
CA GLY E 247 33.56 -6.63 -20.32
C GLY E 247 33.90 -8.09 -20.56
N THR E 248 35.13 -8.36 -20.97
CA THR E 248 35.64 -9.71 -21.10
C THR E 248 36.96 -9.95 -20.38
N ALA E 249 37.79 -8.93 -20.19
CA ALA E 249 39.03 -9.05 -19.43
C ALA E 249 38.99 -8.04 -18.29
N PHE E 250 39.27 -8.52 -17.08
CA PHE E 250 39.14 -7.71 -15.88
C PHE E 250 40.44 -7.74 -15.10
N THR E 251 40.70 -6.66 -14.37
CA THR E 251 41.90 -6.49 -13.58
C THR E 251 41.53 -6.10 -12.16
N LEU E 252 42.22 -6.71 -11.20
CA LEU E 252 42.11 -6.38 -9.79
C LEU E 252 43.45 -5.82 -9.35
N THR E 253 43.49 -4.53 -9.04
CA THR E 253 44.72 -3.84 -8.70
C THR E 253 44.78 -3.60 -7.20
N ILE E 254 45.94 -3.88 -6.60
CA ILE E 254 46.17 -3.68 -5.18
C ILE E 254 47.09 -2.48 -5.03
N SER E 255 46.61 -1.45 -4.34
CA SER E 255 47.41 -0.24 -4.16
C SER E 255 48.65 -0.52 -3.32
N ARG E 256 48.46 -1.16 -2.17
CA ARG E 256 49.56 -1.53 -1.28
C ARG E 256 49.34 -2.96 -0.80
N LEU E 257 50.45 -3.63 -0.50
CA LEU E 257 50.41 -5.02 -0.07
C LEU E 257 50.85 -5.13 1.38
N GLU E 258 50.06 -5.84 2.17
CA GLU E 258 50.35 -6.08 3.58
C GLU E 258 50.48 -7.58 3.80
N ALA E 259 50.62 -7.96 5.08
CA ALA E 259 50.76 -9.36 5.42
C ALA E 259 49.47 -10.15 5.19
N GLU E 260 48.33 -9.48 5.17
CA GLU E 260 47.05 -10.17 4.99
C GLU E 260 46.58 -10.20 3.55
N ASP E 261 47.30 -9.55 2.63
CA ASP E 261 46.91 -9.58 1.22
C ASP E 261 47.42 -10.82 0.49
N VAL E 262 48.33 -11.59 1.09
CA VAL E 262 48.84 -12.78 0.43
C VAL E 262 47.79 -13.88 0.46
N GLY E 263 47.65 -14.58 -0.65
CA GLY E 263 46.66 -15.63 -0.75
C GLY E 263 46.34 -15.92 -2.20
N VAL E 264 45.19 -16.56 -2.41
CA VAL E 264 44.72 -16.96 -3.73
C VAL E 264 43.52 -16.11 -4.10
N TYR E 265 43.58 -15.51 -5.28
CA TYR E 265 42.52 -14.62 -5.77
C TYR E 265 41.74 -15.34 -6.87
N TYR E 266 40.42 -15.34 -6.74
CA TYR E 266 39.53 -16.02 -7.67
C TYR E 266 38.59 -15.02 -8.31
N CYS E 267 38.29 -15.23 -9.59
CA CYS E 267 37.27 -14.47 -10.30
C CYS E 267 36.10 -15.38 -10.60
N MET E 268 34.90 -14.96 -10.21
CA MET E 268 33.68 -15.69 -10.43
C MET E 268 32.77 -14.87 -11.34
N GLN E 269 31.97 -15.55 -12.14
CA GLN E 269 30.95 -14.89 -12.95
C GLN E 269 29.58 -15.24 -12.40
N HIS E 270 28.72 -14.24 -12.29
CA HIS E 270 27.35 -14.43 -11.84
C HIS E 270 26.36 -14.05 -12.93
N LEU E 271 26.83 -14.03 -14.18
CA LEU E 271 25.95 -13.70 -15.29
C LEU E 271 24.88 -14.78 -15.48
N GLU E 272 25.25 -16.04 -15.34
CA GLU E 272 24.32 -17.14 -15.52
C GLU E 272 24.85 -18.37 -14.81
N TYR E 273 23.94 -19.24 -14.44
CA TYR E 273 24.34 -20.49 -13.79
C TYR E 273 24.76 -21.50 -14.83
N PRO E 274 25.73 -22.38 -14.55
CA PRO E 274 26.49 -22.49 -13.30
C PRO E 274 27.47 -21.36 -13.10
N LEU E 275 27.65 -20.89 -11.87
CA LEU E 275 28.65 -19.89 -11.57
C LEU E 275 30.03 -20.52 -11.67
N THR E 276 30.93 -19.87 -12.40
CA THR E 276 32.22 -20.44 -12.72
C THR E 276 33.32 -19.62 -12.06
N PHE E 277 34.20 -20.30 -11.34
CA PHE E 277 35.37 -19.67 -10.73
C PHE E 277 36.57 -19.92 -11.61
N GLY E 278 37.35 -18.87 -11.86
CA GLY E 278 38.62 -19.06 -12.53
C GLY E 278 39.62 -19.78 -11.66
N ALA E 279 40.64 -20.33 -12.30
CA ALA E 279 41.72 -20.95 -11.56
C ALA E 279 42.39 -19.90 -10.68
N GLY E 280 42.72 -20.28 -9.45
CA GLY E 280 43.19 -19.30 -8.49
C GLY E 280 44.52 -18.70 -8.91
N THR E 281 44.69 -17.42 -8.64
CA THR E 281 45.95 -16.72 -8.84
C THR E 281 46.62 -16.55 -7.49
N LYS E 282 47.78 -17.19 -7.31
CA LYS E 282 48.45 -17.20 -6.02
C LYS E 282 49.42 -16.04 -5.92
N LEU E 283 49.49 -15.42 -4.74
CA LEU E 283 50.44 -14.35 -4.48
C LEU E 283 51.40 -14.79 -3.39
N GLU E 284 52.69 -14.56 -3.62
CA GLU E 284 53.72 -14.88 -2.64
C GLU E 284 54.63 -13.67 -2.49
N LEU E 285 55.15 -13.48 -1.28
CA LEU E 285 56.00 -12.35 -0.98
C LEU E 285 57.38 -12.52 -1.62
C1 CLR F . -9.89 -17.94 -11.77
C2 CLR F . -8.57 -17.33 -11.30
C3 CLR F . -8.33 -17.60 -9.83
C4 CLR F . -8.25 -19.11 -9.61
C5 CLR F . -9.51 -19.74 -10.16
C6 CLR F . -10.21 -20.54 -9.35
C7 CLR F . -11.43 -21.30 -9.79
C8 CLR F . -11.45 -21.39 -11.31
C9 CLR F . -11.28 -20.01 -11.91
C10 CLR F . -9.90 -19.44 -11.59
C11 CLR F . -11.51 -20.02 -13.42
C12 CLR F . -12.79 -20.73 -13.85
C13 CLR F . -12.81 -22.12 -13.27
C14 CLR F . -12.77 -21.97 -11.77
C15 CLR F . -13.16 -23.33 -11.23
C16 CLR F . -14.19 -23.83 -12.23
C17 CLR F . -14.06 -22.96 -13.49
C18 CLR F . -11.60 -22.92 -13.76
C19 CLR F . -8.88 -20.10 -12.51
C20 CLR F . -14.03 -23.83 -14.75
C21 CLR F . -14.76 -23.17 -15.91
C22 CLR F . -14.61 -25.20 -14.46
C23 CLR F . -14.33 -26.14 -15.63
C24 CLR F . -14.84 -27.55 -15.37
C25 CLR F . -16.35 -27.64 -15.56
C26 CLR F . -16.73 -27.25 -16.98
C27 CLR F . -16.84 -29.05 -15.24
O1 CLR F . -7.09 -17.01 -9.42
N HSM G . -31.82 -24.89 -17.34
CA HSM G . -32.05 -25.84 -18.42
CB HSM G . -31.58 -25.25 -19.74
CG HSM G . -32.56 -24.31 -20.35
ND1 HSM G . -32.19 -23.23 -21.09
CD2 HSM G . -33.92 -24.28 -20.30
CE1 HSM G . -33.30 -22.59 -21.47
NE2 HSM G . -34.37 -23.18 -21.01
#